data_5OV3
#
_entry.id   5OV3
#
_cell.length_a   56.809
_cell.length_b   71.897
_cell.length_c   178.269
_cell.angle_alpha   90.00
_cell.angle_beta   90.00
_cell.angle_gamma   90.00
#
_symmetry.space_group_name_H-M   'P 21 21 21'
#
loop_
_entity.id
_entity.type
_entity.pdbx_description
1 polymer 'Retinoblastoma-binding protein 5'
2 polymer 'Retinoblastoma-binding protein 5'
3 non-polymer 'TRIETHYLENE GLYCOL'
4 non-polymer 'TETRAETHYLENE GLYCOL'
5 water water
#
loop_
_entity_poly.entity_id
_entity_poly.type
_entity_poly.pdbx_seq_one_letter_code
_entity_poly.pdbx_strand_id
1 'polypeptide(L)'
;GPNLELLESFGQNYPEEADGTLDCISMALTCTFNRWGTLLAVGCNDGRIVIWDFLTRGIAKIISAHIHPVCSLCWSRDGH
KLVSASTDNIVSQWDVLSGDCDQRFRFPSPILKVQYHPRDQNKVLVCPMKSAPVMLTLSDSKHVVLPVDDDSDLNVVASF
DRRGEYIYTGNAKGKILVLKTDSQDLVASFRVTTGTSNTTAIKSIEFARKGSCFLINTADRIIRVYDGREILTCGRDGEP
EPMQKLQDLVNRTPWKKCCFSGDGEYIVAGSARQHALYIWEKSIGNLVKILHGTRGELLLDVAWHPVRPIIASISSGVVS
IWAQNQVENWSAFAPDFKELDENVEYEERESEFDIEDEDKSEPKQTGADAAEDEEVDVTSV
;
A,B
2 'polypeptide(L)' EPKQTG C
#
loop_
_chem_comp.id
_chem_comp.type
_chem_comp.name
_chem_comp.formula
PG4 non-polymer 'TETRAETHYLENE GLYCOL' 'C8 H18 O5'
PGE non-polymer 'TRIETHYLENE GLYCOL' 'C6 H14 O4'
#
# COMPACT_ATOMS: atom_id res chain seq x y z
N ASP A 19 -4.30 -11.62 -18.21
CA ASP A 19 -5.07 -11.80 -16.99
C ASP A 19 -5.68 -10.48 -16.52
N GLY A 20 -5.49 -9.45 -17.35
CA GLY A 20 -5.86 -8.09 -17.00
C GLY A 20 -4.73 -7.12 -17.30
N THR A 21 -4.77 -6.47 -18.45
CA THR A 21 -3.72 -5.54 -18.81
C THR A 21 -4.10 -4.10 -18.43
N LEU A 22 -3.09 -3.25 -18.35
CA LEU A 22 -3.28 -1.84 -18.03
C LEU A 22 -3.48 -1.08 -19.33
N ASP A 23 -4.65 -0.45 -19.47
CA ASP A 23 -4.94 0.26 -20.70
C ASP A 23 -4.35 1.66 -20.74
N CYS A 24 -3.95 2.19 -19.60
CA CYS A 24 -3.42 3.55 -19.51
C CYS A 24 -1.96 3.66 -19.91
N ILE A 25 -1.26 2.54 -20.12
CA ILE A 25 0.17 2.56 -20.38
C ILE A 25 0.44 1.95 -21.74
N SER A 26 1.26 2.61 -22.53
CA SER A 26 1.59 2.19 -23.87
C SER A 26 3.10 2.20 -24.06
N MET A 27 3.60 1.34 -24.94
CA MET A 27 5.03 1.27 -25.27
C MET A 27 5.86 0.99 -24.02
N ALA A 28 5.38 0.04 -23.21
CA ALA A 28 6.09 -0.34 -22.01
C ALA A 28 7.33 -1.13 -22.38
N LEU A 29 8.39 -0.93 -21.65
CA LEU A 29 9.62 -1.68 -21.94
C LEU A 29 10.20 -2.38 -20.72
N THR A 30 10.29 -1.69 -19.58
CA THR A 30 10.70 -2.34 -18.34
C THR A 30 9.84 -1.82 -17.19
N CYS A 31 9.72 -2.61 -16.11
CA CYS A 31 8.88 -2.25 -14.99
C CYS A 31 9.43 -2.81 -13.67
N THR A 32 9.29 -2.04 -12.59
CA THR A 32 9.74 -2.44 -11.25
C THR A 32 8.82 -1.86 -10.16
N PHE A 33 8.54 -2.67 -9.14
CA PHE A 33 7.71 -2.24 -8.03
C PHE A 33 8.51 -1.44 -7.01
N ASN A 34 7.81 -0.55 -6.31
CA ASN A 34 8.48 0.01 -5.14
C ASN A 34 8.46 -1.02 -4.01
N ARG A 35 9.13 -0.67 -2.91
CA ARG A 35 9.38 -1.67 -1.88
C ARG A 35 8.07 -2.20 -1.26
N TRP A 36 7.01 -1.38 -1.24
CA TRP A 36 5.72 -1.84 -0.72
C TRP A 36 4.76 -2.35 -1.81
N GLY A 37 5.13 -2.24 -3.08
CA GLY A 37 4.23 -2.69 -4.13
C GLY A 37 2.92 -1.93 -4.17
N THR A 38 2.95 -0.66 -3.83
CA THR A 38 1.83 0.25 -4.10
C THR A 38 1.99 0.94 -5.44
N LEU A 39 3.20 1.03 -5.96
CA LEU A 39 3.47 1.72 -7.21
C LEU A 39 4.30 0.83 -8.12
N LEU A 40 4.05 0.97 -9.42
CA LEU A 40 4.78 0.26 -10.46
C LEU A 40 5.40 1.29 -11.40
N ALA A 41 6.72 1.42 -11.33
CA ALA A 41 7.44 2.29 -12.26
C ALA A 41 7.61 1.57 -13.60
N VAL A 42 7.13 2.18 -14.68
CA VAL A 42 7.14 1.57 -16.01
C VAL A 42 8.00 2.45 -16.92
N GLY A 43 9.18 1.94 -17.31
CA GLY A 43 10.02 2.63 -18.27
C GLY A 43 9.51 2.35 -19.68
N CYS A 44 9.49 3.39 -20.51
CA CYS A 44 8.81 3.26 -21.79
C CYS A 44 9.71 3.60 -22.97
N ASN A 45 9.29 3.07 -24.12
CA ASN A 45 10.02 3.21 -25.37
C ASN A 45 10.16 4.68 -25.78
N ASP A 46 9.26 5.55 -25.33
CA ASP A 46 9.30 6.96 -25.65
C ASP A 46 10.18 7.76 -24.69
N GLY A 47 10.90 7.10 -23.79
CA GLY A 47 11.73 7.81 -22.85
C GLY A 47 11.04 8.34 -21.61
N ARG A 48 9.76 8.01 -21.42
CA ARG A 48 9.05 8.43 -20.21
C ARG A 48 9.02 7.29 -19.20
N ILE A 49 9.02 7.68 -17.91
CA ILE A 49 8.69 6.78 -16.81
C ILE A 49 7.28 7.11 -16.33
N VAL A 50 6.39 6.13 -16.43
CA VAL A 50 5.00 6.27 -16.02
C VAL A 50 4.82 5.44 -14.76
N ILE A 51 4.39 6.08 -13.68
CA ILE A 51 4.23 5.38 -12.42
C ILE A 51 2.76 5.09 -12.20
N TRP A 52 2.43 3.81 -12.19
CA TRP A 52 1.06 3.36 -12.04
C TRP A 52 0.78 3.02 -10.58
N ASP A 53 -0.42 3.36 -10.12
CA ASP A 53 -0.81 3.26 -8.73
C ASP A 53 -1.75 2.06 -8.55
N PHE A 54 -1.35 1.11 -7.70
CA PHE A 54 -2.20 -0.02 -7.40
C PHE A 54 -3.43 0.35 -6.57
N LEU A 55 -3.40 1.47 -5.86
CA LEU A 55 -4.55 1.81 -5.02
C LEU A 55 -5.66 2.45 -5.83
N THR A 56 -5.36 3.51 -6.57
CA THR A 56 -6.37 4.12 -7.44
C THR A 56 -6.55 3.40 -8.76
N ARG A 57 -5.72 2.40 -9.07
CA ARG A 57 -5.71 1.77 -10.38
C ARG A 57 -5.60 2.83 -11.49
N GLY A 58 -4.75 3.82 -11.27
CA GLY A 58 -4.50 4.87 -12.23
C GLY A 58 -3.05 5.34 -12.14
N ILE A 59 -2.73 6.30 -12.98
CA ILE A 59 -1.38 6.86 -13.04
C ILE A 59 -1.13 7.71 -11.80
N ALA A 60 0.03 7.52 -11.18
CA ALA A 60 0.43 8.36 -10.07
C ALA A 60 1.36 9.49 -10.49
N LYS A 61 2.23 9.25 -11.47
CA LYS A 61 3.28 10.21 -11.80
C LYS A 61 3.84 9.88 -13.17
N ILE A 62 4.07 10.90 -13.97
CA ILE A 62 4.73 10.76 -15.26
C ILE A 62 6.02 11.56 -15.20
N ILE A 63 7.12 10.95 -15.65
CA ILE A 63 8.42 11.61 -15.68
C ILE A 63 8.90 11.60 -17.12
N SER A 64 9.19 12.79 -17.65
CA SER A 64 9.90 12.91 -18.91
C SER A 64 11.38 12.74 -18.59
N ALA A 65 11.89 11.55 -18.81
CA ALA A 65 13.19 11.14 -18.28
C ALA A 65 14.30 11.17 -19.32
N HIS A 66 14.01 10.81 -20.56
CA HIS A 66 15.00 10.79 -21.61
C HIS A 66 14.33 11.16 -22.93
N ILE A 67 15.13 11.20 -23.98
CA ILE A 67 14.60 11.19 -25.34
C ILE A 67 14.64 9.78 -25.90
N HIS A 68 15.50 8.94 -25.39
CA HIS A 68 15.67 7.57 -25.84
C HIS A 68 14.96 6.60 -24.91
N PRO A 69 14.61 5.40 -25.42
CA PRO A 69 13.96 4.38 -24.57
C PRO A 69 14.58 4.19 -23.19
N VAL A 70 13.73 3.96 -22.19
CA VAL A 70 14.17 3.65 -20.85
C VAL A 70 14.32 2.14 -20.72
N CYS A 71 15.54 1.67 -20.50
CA CYS A 71 15.78 0.23 -20.46
C CYS A 71 16.08 -0.32 -19.07
N SER A 72 16.10 0.53 -18.04
CA SER A 72 16.45 0.01 -16.72
C SER A 72 16.01 1.00 -15.65
N LEU A 73 15.43 0.47 -14.57
CA LEU A 73 14.88 1.27 -13.48
C LEU A 73 15.17 0.59 -12.15
N CYS A 74 15.29 1.40 -11.10
CA CYS A 74 15.41 0.85 -9.75
C CYS A 74 14.94 1.89 -8.75
N TRP A 75 14.12 1.44 -7.79
CA TRP A 75 13.60 2.31 -6.74
C TRP A 75 14.59 2.38 -5.58
N SER A 76 14.81 3.58 -5.06
CA SER A 76 15.55 3.70 -3.82
C SER A 76 14.76 3.06 -2.68
N ARG A 77 15.50 2.64 -1.64
CA ARG A 77 14.86 1.95 -0.52
C ARG A 77 13.82 2.83 0.16
N ASP A 78 14.07 4.14 0.26
CA ASP A 78 13.06 4.99 0.88
C ASP A 78 11.89 5.30 -0.05
N GLY A 79 11.94 4.84 -1.30
CA GLY A 79 10.82 5.00 -2.19
C GLY A 79 10.66 6.36 -2.83
N HIS A 80 11.58 7.30 -2.58
CA HIS A 80 11.50 8.66 -3.11
C HIS A 80 12.27 8.86 -4.41
N LYS A 81 13.25 8.00 -4.71
CA LYS A 81 14.14 8.21 -5.84
C LYS A 81 13.99 7.07 -6.83
N LEU A 82 14.03 7.40 -8.12
CA LEU A 82 14.19 6.42 -9.19
C LEU A 82 15.53 6.67 -9.89
N VAL A 83 16.26 5.60 -10.19
CA VAL A 83 17.42 5.68 -11.06
C VAL A 83 17.09 4.96 -12.36
N SER A 84 17.40 5.59 -13.49
CA SER A 84 17.11 5.02 -14.80
C SER A 84 18.34 5.07 -15.71
N ALA A 85 18.27 4.28 -16.77
CA ALA A 85 19.24 4.29 -17.86
C ALA A 85 18.49 4.34 -19.18
N SER A 86 19.01 5.13 -20.12
CA SER A 86 18.48 5.21 -21.47
C SER A 86 19.14 4.17 -22.38
N THR A 87 19.10 4.44 -23.69
CA THR A 87 20.00 3.88 -24.68
C THR A 87 21.04 4.88 -25.20
N ASP A 88 20.85 6.20 -24.94
CA ASP A 88 21.87 7.26 -25.09
C ASP A 88 23.08 7.10 -24.06
N ASN A 89 23.19 6.00 -23.30
CA ASN A 89 24.21 5.84 -22.26
C ASN A 89 24.07 6.86 -21.14
N ILE A 90 22.87 7.35 -20.88
CA ILE A 90 22.63 8.27 -19.77
C ILE A 90 22.10 7.48 -18.58
N VAL A 91 22.51 7.87 -17.37
CA VAL A 91 22.02 7.30 -16.12
C VAL A 91 21.59 8.45 -15.22
N SER A 92 20.32 8.49 -14.85
CA SER A 92 19.76 9.63 -14.14
C SER A 92 19.04 9.22 -12.87
N GLN A 93 19.08 10.08 -11.87
CA GLN A 93 18.30 9.86 -10.67
C GLN A 93 17.17 10.88 -10.61
N TRP A 94 15.95 10.39 -10.36
CA TRP A 94 14.75 11.22 -10.34
C TRP A 94 14.17 11.28 -8.95
N ASP A 95 13.57 12.43 -8.64
CA ASP A 95 12.69 12.54 -7.50
C ASP A 95 11.28 12.19 -7.94
N VAL A 96 10.73 11.10 -7.40
CA VAL A 96 9.42 10.63 -7.86
C VAL A 96 8.33 11.62 -7.52
N LEU A 97 8.49 12.42 -6.47
CA LEU A 97 7.44 13.37 -6.08
C LEU A 97 7.42 14.57 -7.01
N SER A 98 8.60 15.14 -7.26
CA SER A 98 8.71 16.39 -8.00
C SER A 98 8.88 16.22 -9.50
N GLY A 99 9.25 15.02 -9.97
CA GLY A 99 9.72 14.85 -11.34
C GLY A 99 11.11 15.39 -11.61
N ASP A 100 11.74 16.06 -10.65
CA ASP A 100 13.02 16.69 -10.90
C ASP A 100 14.15 15.68 -11.03
N CYS A 101 15.13 16.02 -11.87
CA CYS A 101 16.33 15.22 -12.02
C CYS A 101 17.37 15.68 -11.01
N ASP A 102 17.68 14.82 -10.04
CA ASP A 102 18.69 15.16 -9.05
C ASP A 102 20.11 15.08 -9.61
N GLN A 103 20.37 14.17 -10.55
CA GLN A 103 21.70 14.02 -11.11
C GLN A 103 21.64 13.18 -12.37
N ARG A 104 22.72 13.25 -13.15
CA ARG A 104 22.77 12.67 -14.48
C ARG A 104 24.23 12.39 -14.83
N PHE A 105 24.50 11.17 -15.32
CA PHE A 105 25.82 10.71 -15.71
C PHE A 105 25.77 10.12 -17.10
N ARG A 106 26.74 10.44 -17.96
CA ARG A 106 26.83 9.79 -19.26
C ARG A 106 28.08 8.92 -19.30
N PHE A 107 27.90 7.71 -19.74
CA PHE A 107 28.93 6.70 -19.82
C PHE A 107 29.36 6.47 -21.27
N PRO A 108 30.61 6.06 -21.50
CA PRO A 108 30.96 5.49 -22.80
C PRO A 108 30.52 4.04 -22.85
N SER A 109 29.67 3.71 -23.85
CA SER A 109 29.01 2.42 -24.11
C SER A 109 27.68 2.33 -23.36
N PRO A 110 26.74 1.53 -23.82
CA PRO A 110 25.40 1.52 -23.23
C PRO A 110 25.33 0.69 -21.96
N ILE A 111 24.23 0.88 -21.24
CA ILE A 111 24.04 0.40 -19.87
C ILE A 111 23.05 -0.74 -19.88
N LEU A 112 23.47 -1.90 -19.37
CA LEU A 112 22.56 -3.04 -19.21
C LEU A 112 21.63 -2.85 -18.01
N LYS A 113 22.17 -2.43 -16.86
CA LYS A 113 21.46 -2.52 -15.58
C LYS A 113 21.91 -1.38 -14.68
N VAL A 114 20.96 -0.81 -13.92
CA VAL A 114 21.26 0.12 -12.83
C VAL A 114 20.58 -0.38 -11.57
N GLN A 115 21.21 -0.17 -10.42
CA GLN A 115 20.75 -0.76 -9.17
C GLN A 115 21.26 0.06 -7.99
N TYR A 116 20.34 0.59 -7.18
CA TYR A 116 20.73 1.16 -5.89
C TYR A 116 21.33 0.08 -4.99
N HIS A 117 22.35 0.48 -4.24
CA HIS A 117 22.68 -0.27 -3.04
C HIS A 117 21.42 -0.40 -2.19
N PRO A 118 21.04 -1.61 -1.78
CA PRO A 118 19.76 -1.78 -1.06
C PRO A 118 19.70 -1.10 0.30
N ARG A 119 20.82 -0.95 1.01
CA ARG A 119 20.81 -0.31 2.32
C ARG A 119 21.29 1.13 2.29
N ASP A 120 21.81 1.61 1.15
CA ASP A 120 22.39 2.95 1.09
C ASP A 120 22.11 3.52 -0.30
N GLN A 121 21.10 4.38 -0.40
CA GLN A 121 20.73 4.94 -1.70
C GLN A 121 21.69 6.00 -2.19
N ASN A 122 22.78 6.29 -1.48
CA ASN A 122 23.80 7.15 -2.05
C ASN A 122 24.70 6.40 -3.03
N LYS A 123 24.64 5.07 -3.05
CA LYS A 123 25.47 4.28 -3.96
C LYS A 123 24.59 3.61 -5.02
N VAL A 124 25.00 3.72 -6.27
CA VAL A 124 24.32 3.02 -7.36
C VAL A 124 25.34 2.20 -8.16
N LEU A 125 24.93 1.01 -8.59
CA LEU A 125 25.74 0.13 -9.40
C LEU A 125 25.29 0.20 -10.87
N VAL A 126 26.25 0.48 -11.76
CA VAL A 126 26.01 0.59 -13.19
C VAL A 126 26.70 -0.56 -13.91
N CYS A 127 26.03 -1.14 -14.91
CA CYS A 127 26.56 -2.29 -15.64
C CYS A 127 26.66 -1.96 -17.12
N PRO A 128 27.78 -1.43 -17.59
CA PRO A 128 27.91 -1.07 -19.01
C PRO A 128 28.14 -2.29 -19.90
N MET A 129 27.83 -2.09 -21.19
CA MET A 129 27.87 -3.20 -22.15
C MET A 129 29.28 -3.77 -22.26
N LYS A 130 30.25 -2.96 -22.64
CA LYS A 130 31.58 -3.45 -22.96
C LYS A 130 32.63 -3.09 -21.91
N SER A 131 32.26 -2.32 -20.90
CA SER A 131 33.15 -1.96 -19.81
C SER A 131 32.90 -2.89 -18.63
N ALA A 132 33.72 -2.72 -17.60
CA ALA A 132 33.54 -3.39 -16.32
C ALA A 132 32.48 -2.64 -15.52
N PRO A 133 31.90 -3.27 -14.51
CA PRO A 133 30.86 -2.60 -13.72
C PRO A 133 31.44 -1.48 -12.86
N VAL A 134 30.61 -0.45 -12.66
CA VAL A 134 30.99 0.76 -11.94
C VAL A 134 30.03 0.98 -10.78
N MET A 135 30.55 1.33 -9.62
CA MET A 135 29.73 1.78 -8.50
C MET A 135 29.98 3.27 -8.27
N LEU A 136 28.90 4.05 -8.16
CA LEU A 136 28.97 5.49 -7.92
C LEU A 136 28.43 5.86 -6.55
N THR A 137 28.81 7.04 -6.11
CA THR A 137 28.17 7.71 -5.00
C THR A 137 27.62 9.04 -5.51
N LEU A 138 26.36 9.32 -5.21
CA LEU A 138 25.71 10.46 -5.89
C LEU A 138 26.10 11.79 -5.26
N SER A 139 26.25 11.83 -3.93
CA SER A 139 26.56 13.09 -3.26
C SER A 139 27.93 13.61 -3.65
N ASP A 140 28.96 12.77 -3.52
CA ASP A 140 30.29 13.05 -4.05
C ASP A 140 30.42 12.27 -5.34
N SER A 141 30.51 12.97 -6.47
CA SER A 141 30.41 12.22 -7.73
C SER A 141 31.66 11.38 -8.03
N LYS A 142 32.05 10.54 -7.07
CA LYS A 142 33.17 9.61 -7.19
C LYS A 142 32.69 8.23 -7.65
N HIS A 143 33.67 7.37 -7.99
CA HIS A 143 33.31 6.06 -8.54
C HIS A 143 34.41 5.04 -8.29
N VAL A 144 34.02 3.78 -8.42
CA VAL A 144 34.93 2.64 -8.45
C VAL A 144 34.61 1.84 -9.70
N VAL A 145 35.64 1.37 -10.39
CA VAL A 145 35.46 0.33 -11.40
C VAL A 145 35.75 -1.00 -10.74
N LEU A 146 34.89 -1.97 -10.98
CA LEU A 146 35.11 -3.14 -10.14
C LEU A 146 36.07 -4.13 -10.80
N PRO A 147 36.73 -4.98 -10.01
CA PRO A 147 37.63 -5.97 -10.60
C PRO A 147 36.89 -6.89 -11.56
N VAL A 148 37.68 -7.64 -12.33
CA VAL A 148 37.23 -8.42 -13.46
C VAL A 148 38.20 -9.58 -13.63
N ASP A 149 37.70 -10.78 -13.96
CA ASP A 149 38.53 -11.98 -13.94
C ASP A 149 39.25 -12.21 -15.27
N ASP A 150 38.50 -12.62 -16.29
CA ASP A 150 39.12 -13.06 -17.56
C ASP A 150 39.69 -11.91 -18.38
N ASP A 151 39.70 -10.68 -17.85
CA ASP A 151 40.26 -9.49 -18.49
C ASP A 151 39.52 -9.12 -19.77
N SER A 152 39.37 -10.07 -20.68
CA SER A 152 38.44 -9.89 -21.80
C SER A 152 37.04 -10.39 -21.41
N ASP A 153 36.57 -9.91 -20.26
CA ASP A 153 35.20 -10.17 -19.84
C ASP A 153 34.22 -9.43 -20.74
N LEU A 154 34.42 -8.12 -20.88
CA LEU A 154 33.55 -7.20 -21.62
C LEU A 154 32.11 -7.29 -21.12
N ASN A 155 31.39 -8.36 -21.40
CA ASN A 155 30.00 -8.48 -20.98
C ASN A 155 29.93 -9.10 -19.59
N VAL A 156 29.75 -8.24 -18.57
CA VAL A 156 29.64 -8.66 -17.19
C VAL A 156 28.40 -8.02 -16.58
N VAL A 157 27.61 -8.81 -15.88
CA VAL A 157 26.48 -8.30 -15.15
C VAL A 157 26.75 -8.48 -13.67
N ALA A 158 26.12 -7.64 -12.84
CA ALA A 158 26.42 -7.62 -11.42
C ALA A 158 25.16 -7.28 -10.63
N SER A 159 25.15 -7.71 -9.38
CA SER A 159 24.05 -7.45 -8.49
C SER A 159 24.56 -7.33 -7.06
N PHE A 160 24.06 -6.34 -6.33
CA PHE A 160 24.22 -6.32 -4.89
C PHE A 160 23.51 -7.53 -4.33
N ASP A 161 23.97 -8.03 -3.18
CA ASP A 161 23.14 -9.03 -2.56
C ASP A 161 22.05 -8.34 -1.73
N ARG A 162 21.22 -9.14 -1.05
CA ARG A 162 20.05 -8.59 -0.40
C ARG A 162 20.42 -7.51 0.62
N ARG A 163 21.50 -7.71 1.38
CA ARG A 163 21.91 -6.72 2.37
C ARG A 163 22.81 -5.65 1.77
N GLY A 164 23.39 -5.90 0.61
CA GLY A 164 24.31 -4.96 0.02
C GLY A 164 25.71 -5.02 0.57
N GLU A 165 26.08 -6.08 1.28
CA GLU A 165 27.44 -6.23 1.80
C GLU A 165 28.40 -6.84 0.79
N TYR A 166 27.90 -7.49 -0.25
CA TYR A 166 28.73 -8.05 -1.32
C TYR A 166 28.16 -7.64 -2.67
N ILE A 167 29.02 -7.73 -3.68
CA ILE A 167 28.61 -7.59 -5.08
C ILE A 167 28.99 -8.87 -5.80
N TYR A 168 28.01 -9.51 -6.41
CA TYR A 168 28.24 -10.67 -7.26
C TYR A 168 28.31 -10.24 -8.73
N THR A 169 29.31 -10.75 -9.45
CA THR A 169 29.38 -10.57 -10.89
C THR A 169 29.43 -11.91 -11.60
N GLY A 170 29.02 -11.88 -12.88
CA GLY A 170 29.04 -13.00 -13.79
C GLY A 170 29.48 -12.53 -15.15
N ASN A 171 30.35 -13.29 -15.83
CA ASN A 171 30.88 -12.89 -17.13
C ASN A 171 30.46 -13.91 -18.20
N ALA A 172 30.91 -13.62 -19.42
CA ALA A 172 30.51 -14.45 -20.56
C ALA A 172 31.10 -15.85 -20.50
N LYS A 173 32.13 -16.07 -19.67
CA LYS A 173 32.74 -17.39 -19.54
C LYS A 173 32.28 -18.14 -18.30
N GLY A 174 31.21 -17.67 -17.66
CA GLY A 174 30.62 -18.42 -16.57
C GLY A 174 31.31 -18.28 -15.24
N LYS A 175 32.09 -17.22 -15.06
CA LYS A 175 32.82 -17.02 -13.81
C LYS A 175 32.07 -16.06 -12.90
N ILE A 176 31.81 -16.50 -11.67
CA ILE A 176 31.16 -15.68 -10.67
C ILE A 176 32.23 -15.18 -9.71
N LEU A 177 32.43 -13.87 -9.67
CA LEU A 177 33.20 -13.24 -8.60
C LEU A 177 32.28 -12.77 -7.49
N VAL A 178 32.71 -12.95 -6.24
CA VAL A 178 32.04 -12.37 -5.08
C VAL A 178 33.00 -11.35 -4.46
N LEU A 179 32.66 -10.07 -4.58
CA LEU A 179 33.45 -8.96 -4.06
C LEU A 179 32.75 -8.37 -2.84
N LYS A 180 33.53 -7.77 -1.94
CA LYS A 180 32.94 -7.07 -0.82
C LYS A 180 32.74 -5.61 -1.21
N THR A 181 31.54 -5.08 -0.96
CA THR A 181 31.14 -3.81 -1.55
C THR A 181 32.05 -2.66 -1.11
N ASP A 182 32.45 -2.63 0.16
CA ASP A 182 33.34 -1.57 0.64
C ASP A 182 34.73 -1.65 0.01
N SER A 183 35.37 -2.82 0.05
CA SER A 183 36.77 -2.94 -0.35
C SER A 183 36.95 -3.34 -1.81
N GLN A 184 35.98 -4.04 -2.39
CA GLN A 184 36.07 -4.69 -3.72
C GLN A 184 36.99 -5.90 -3.71
N ASP A 185 37.15 -6.53 -2.57
CA ASP A 185 38.07 -7.64 -2.47
C ASP A 185 37.37 -8.96 -2.79
N LEU A 186 38.03 -9.75 -3.62
CA LEU A 186 37.51 -11.05 -4.00
C LEU A 186 37.50 -11.96 -2.77
N VAL A 187 36.31 -12.30 -2.29
CA VAL A 187 36.19 -13.15 -1.10
C VAL A 187 35.61 -14.50 -1.43
N ALA A 188 35.10 -14.71 -2.64
CA ALA A 188 34.69 -16.02 -3.10
C ALA A 188 34.56 -15.96 -4.61
N SER A 189 34.69 -17.12 -5.25
CA SER A 189 34.55 -17.20 -6.70
C SER A 189 34.31 -18.64 -7.09
N PHE A 190 33.73 -18.81 -8.28
CA PHE A 190 33.52 -20.13 -8.85
C PHE A 190 33.07 -19.97 -10.29
N ARG A 191 33.42 -20.96 -11.12
CA ARG A 191 32.93 -21.05 -12.47
C ARG A 191 31.67 -21.90 -12.46
N VAL A 192 30.69 -21.57 -13.30
CA VAL A 192 29.45 -22.34 -13.36
C VAL A 192 29.57 -23.35 -14.48
N THR A 193 29.22 -24.59 -14.18
CA THR A 193 29.59 -25.76 -14.96
C THR A 193 28.46 -26.16 -15.91
N THR A 194 28.82 -26.52 -17.13
CA THR A 194 27.83 -27.16 -17.98
C THR A 194 27.81 -28.68 -17.77
N GLY A 195 28.33 -29.16 -16.66
CA GLY A 195 28.39 -30.60 -16.44
C GLY A 195 29.53 -31.23 -17.22
N THR A 196 29.49 -31.07 -18.54
CA THR A 196 30.62 -31.37 -19.42
C THR A 196 31.92 -30.84 -18.83
N SER A 197 32.36 -29.67 -19.29
CA SER A 197 33.31 -28.80 -18.59
C SER A 197 33.28 -27.46 -19.31
N ASN A 198 32.58 -27.44 -20.45
CA ASN A 198 32.44 -26.21 -21.23
C ASN A 198 31.78 -25.12 -20.38
N THR A 199 32.19 -23.88 -20.63
CA THR A 199 31.67 -22.74 -19.88
C THR A 199 30.25 -22.44 -20.33
N THR A 200 29.61 -21.50 -19.65
CA THR A 200 28.31 -21.03 -20.08
C THR A 200 28.13 -19.59 -19.61
N ALA A 201 27.65 -18.72 -20.50
CA ALA A 201 27.56 -17.29 -20.21
C ALA A 201 26.50 -17.00 -19.16
N ILE A 202 26.79 -16.02 -18.30
CA ILE A 202 25.87 -15.55 -17.28
C ILE A 202 25.04 -14.40 -17.85
N LYS A 203 23.73 -14.59 -17.93
CA LYS A 203 22.93 -13.52 -18.48
C LYS A 203 22.36 -12.58 -17.42
N SER A 204 22.14 -13.04 -16.19
CA SER A 204 21.69 -12.14 -15.14
C SER A 204 21.86 -12.81 -13.79
N ILE A 205 21.95 -11.98 -12.74
CA ILE A 205 21.98 -12.41 -11.35
C ILE A 205 20.87 -11.68 -10.61
N GLU A 206 20.03 -12.42 -9.88
CA GLU A 206 18.91 -11.87 -9.11
C GLU A 206 18.92 -12.47 -7.71
N PHE A 207 18.60 -11.64 -6.71
CA PHE A 207 18.52 -12.07 -5.32
C PHE A 207 17.08 -12.04 -4.78
N ALA A 208 16.80 -12.95 -3.87
CA ALA A 208 15.55 -12.96 -3.16
C ALA A 208 15.50 -11.79 -2.19
N ARG A 209 14.29 -11.27 -1.95
CA ARG A 209 14.12 -10.17 -1.00
C ARG A 209 14.21 -10.65 0.43
N LYS A 210 13.92 -11.92 0.68
CA LYS A 210 14.02 -12.54 1.98
C LYS A 210 15.05 -13.67 1.89
N GLY A 211 15.89 -13.81 2.92
CA GLY A 211 16.84 -14.91 2.97
C GLY A 211 18.16 -14.67 2.27
N SER A 212 18.80 -15.76 1.81
CA SER A 212 20.16 -15.70 1.25
C SER A 212 20.29 -16.26 -0.17
N CYS A 213 19.20 -16.71 -0.78
CA CYS A 213 19.25 -17.38 -2.07
C CYS A 213 19.34 -16.37 -3.21
N PHE A 214 20.05 -16.76 -4.28
CA PHE A 214 20.04 -16.04 -5.53
C PHE A 214 19.94 -17.04 -6.68
N LEU A 215 19.67 -16.51 -7.86
CA LEU A 215 19.59 -17.35 -9.04
C LEU A 215 20.40 -16.74 -10.15
N ILE A 216 20.81 -17.61 -11.07
CA ILE A 216 21.59 -17.23 -12.23
C ILE A 216 20.86 -17.73 -13.47
N ASN A 217 20.64 -16.83 -14.41
CA ASN A 217 20.18 -17.19 -15.74
C ASN A 217 21.41 -17.30 -16.65
N THR A 218 21.49 -18.40 -17.39
CA THR A 218 22.69 -18.76 -18.14
C THR A 218 22.33 -19.10 -19.58
N ALA A 219 23.34 -19.04 -20.46
CA ALA A 219 23.13 -19.34 -21.86
C ALA A 219 22.74 -20.79 -22.11
N ASP A 220 22.97 -21.70 -21.17
CA ASP A 220 22.50 -23.07 -21.38
C ASP A 220 21.07 -23.29 -20.90
N ARG A 221 20.36 -22.20 -20.55
CA ARG A 221 18.91 -22.23 -20.32
C ARG A 221 18.55 -23.07 -19.10
N ILE A 222 19.47 -23.19 -18.15
CA ILE A 222 19.20 -23.80 -16.86
C ILE A 222 19.34 -22.72 -15.81
N ILE A 223 18.29 -22.54 -14.99
CA ILE A 223 18.31 -21.54 -13.94
C ILE A 223 18.88 -22.18 -12.69
N ARG A 224 19.94 -21.59 -12.15
CA ARG A 224 20.66 -22.18 -11.02
C ARG A 224 20.40 -21.36 -9.76
N VAL A 225 19.95 -22.04 -8.73
CA VAL A 225 19.63 -21.42 -7.45
C VAL A 225 20.72 -21.83 -6.48
N TYR A 226 21.34 -20.83 -5.87
CA TYR A 226 22.42 -20.99 -4.91
C TYR A 226 22.06 -20.28 -3.62
N ASP A 227 22.54 -20.84 -2.51
CA ASP A 227 22.51 -20.15 -1.22
C ASP A 227 23.75 -19.28 -1.10
N GLY A 228 23.54 -17.98 -0.87
CA GLY A 228 24.66 -17.06 -0.85
C GLY A 228 25.70 -17.46 0.17
N ARG A 229 25.25 -18.02 1.30
CA ARG A 229 26.19 -18.45 2.31
C ARG A 229 26.97 -19.67 1.85
N GLU A 230 26.33 -20.58 1.12
CA GLU A 230 27.03 -21.73 0.56
C GLU A 230 28.20 -21.31 -0.32
N ILE A 231 28.14 -20.12 -0.90
CA ILE A 231 29.20 -19.62 -1.78
C ILE A 231 30.31 -18.95 -0.99
N LEU A 232 29.95 -18.18 0.03
CA LEU A 232 30.96 -17.55 0.88
C LEU A 232 31.83 -18.60 1.55
N THR A 233 31.21 -19.66 2.10
CA THR A 233 31.94 -20.75 2.72
C THR A 233 32.90 -21.41 1.73
N CYS A 234 32.42 -21.72 0.52
CA CYS A 234 33.27 -22.35 -0.50
C CYS A 234 34.48 -21.49 -0.83
N GLY A 235 34.40 -20.20 -0.59
CA GLY A 235 35.55 -19.35 -0.78
C GLY A 235 36.05 -19.32 -2.21
N ARG A 236 37.28 -18.80 -2.34
CA ARG A 236 37.84 -18.47 -3.64
C ARG A 236 38.09 -19.72 -4.47
N ASP A 237 37.64 -19.67 -5.72
CA ASP A 237 37.68 -20.81 -6.64
C ASP A 237 37.14 -22.09 -6.00
N GLY A 238 35.86 -22.03 -5.63
CA GLY A 238 35.17 -23.18 -5.11
C GLY A 238 34.45 -23.97 -6.20
N GLU A 239 33.77 -25.02 -5.74
CA GLU A 239 32.76 -25.72 -6.55
C GLU A 239 31.49 -25.88 -5.70
N PRO A 240 30.75 -24.80 -5.48
CA PRO A 240 29.51 -24.92 -4.72
C PRO A 240 28.41 -25.57 -5.54
N GLU A 241 27.62 -26.40 -4.91
CA GLU A 241 26.62 -27.00 -5.79
C GLU A 241 25.30 -26.25 -5.70
N PRO A 242 24.58 -26.16 -6.83
CA PRO A 242 23.29 -25.47 -6.84
C PRO A 242 22.28 -26.11 -5.90
N MET A 243 21.61 -25.27 -5.11
CA MET A 243 20.43 -25.70 -4.38
C MET A 243 19.40 -26.36 -5.30
N GLN A 244 19.26 -25.82 -6.51
CA GLN A 244 18.19 -26.22 -7.39
C GLN A 244 18.58 -25.86 -8.82
N LYS A 245 18.15 -26.69 -9.76
CA LYS A 245 18.41 -26.48 -11.18
C LYS A 245 17.07 -26.49 -11.89
N LEU A 246 16.72 -25.39 -12.54
CA LEU A 246 15.41 -25.26 -13.17
C LEU A 246 15.60 -25.07 -14.67
N GLN A 247 14.93 -25.92 -15.43
CA GLN A 247 14.94 -25.85 -16.87
C GLN A 247 13.69 -26.55 -17.40
N ASP A 248 13.40 -26.32 -18.66
CA ASP A 248 12.25 -26.91 -19.34
C ASP A 248 12.75 -27.98 -20.28
N LEU A 249 12.65 -29.24 -19.87
CA LEU A 249 13.19 -30.30 -20.70
C LEU A 249 12.29 -30.71 -21.85
N VAL A 250 11.06 -30.19 -21.92
CA VAL A 250 10.25 -30.47 -23.09
C VAL A 250 10.70 -29.63 -24.28
N ASN A 251 10.71 -28.31 -24.12
CA ASN A 251 11.02 -27.40 -25.20
C ASN A 251 12.42 -26.78 -25.11
N ARG A 252 13.15 -27.01 -24.01
CA ARG A 252 14.50 -26.45 -23.86
C ARG A 252 14.49 -24.94 -24.09
N THR A 253 13.61 -24.29 -23.38
CA THR A 253 13.24 -22.90 -23.60
C THR A 253 14.30 -21.96 -23.03
N PRO A 254 14.66 -20.91 -23.76
CA PRO A 254 15.47 -19.84 -23.17
C PRO A 254 14.61 -18.86 -22.37
N TRP A 255 15.24 -18.27 -21.36
CA TRP A 255 14.60 -17.46 -20.33
C TRP A 255 14.95 -16.00 -20.51
N LYS A 256 13.95 -15.15 -20.79
CA LYS A 256 14.18 -13.73 -20.96
C LYS A 256 14.47 -13.01 -19.65
N LYS A 257 13.88 -13.46 -18.54
CA LYS A 257 14.00 -12.77 -17.26
C LYS A 257 13.44 -13.68 -16.19
N CYS A 258 14.08 -13.66 -15.02
CA CYS A 258 13.74 -14.49 -13.87
C CYS A 258 13.80 -13.63 -12.61
N CYS A 259 13.07 -14.05 -11.59
CA CYS A 259 13.11 -13.39 -10.29
C CYS A 259 12.34 -14.23 -9.28
N PHE A 260 12.59 -13.96 -7.99
CA PHE A 260 11.93 -14.64 -6.90
C PHE A 260 10.62 -13.92 -6.53
N SER A 261 9.71 -14.68 -5.92
CA SER A 261 8.63 -14.08 -5.16
C SER A 261 9.21 -13.31 -3.96
N GLY A 262 8.44 -12.32 -3.49
CA GLY A 262 8.90 -11.48 -2.40
C GLY A 262 9.31 -12.25 -1.17
N ASP A 263 8.64 -13.37 -0.88
CA ASP A 263 9.06 -14.26 0.21
C ASP A 263 10.24 -15.16 -0.17
N GLY A 264 10.50 -15.34 -1.47
CA GLY A 264 11.67 -16.06 -1.92
C GLY A 264 11.51 -17.56 -2.11
N GLU A 265 10.28 -18.09 -2.03
CA GLU A 265 10.13 -19.53 -2.15
C GLU A 265 9.51 -19.97 -3.48
N TYR A 266 9.17 -19.04 -4.37
CA TYR A 266 8.86 -19.35 -5.75
C TYR A 266 9.77 -18.55 -6.66
N ILE A 267 9.86 -19.00 -7.91
CA ILE A 267 10.65 -18.31 -8.92
C ILE A 267 9.82 -18.30 -10.19
N VAL A 268 9.80 -17.17 -10.86
CA VAL A 268 9.16 -17.05 -12.16
C VAL A 268 10.23 -16.83 -13.19
N ALA A 269 10.05 -17.42 -14.36
CA ALA A 269 10.94 -17.14 -15.47
C ALA A 269 10.09 -16.95 -16.70
N GLY A 270 10.39 -15.92 -17.47
CA GLY A 270 9.62 -15.61 -18.66
C GLY A 270 10.30 -16.14 -19.90
N SER A 271 9.58 -16.98 -20.64
CA SER A 271 10.00 -17.40 -21.98
C SER A 271 9.45 -16.44 -23.01
N ALA A 272 10.32 -15.60 -23.57
CA ALA A 272 9.89 -14.77 -24.69
C ALA A 272 9.45 -15.66 -25.86
N ARG A 273 10.25 -16.70 -26.16
CA ARG A 273 9.99 -17.56 -27.31
C ARG A 273 8.55 -18.06 -27.37
N GLN A 274 7.92 -18.33 -26.23
CA GLN A 274 6.56 -18.86 -26.33
C GLN A 274 5.60 -18.10 -25.42
N HIS A 275 5.87 -16.79 -25.20
CA HIS A 275 5.13 -15.92 -24.28
C HIS A 275 4.46 -16.67 -23.13
N ALA A 276 5.26 -17.15 -22.19
CA ALA A 276 4.77 -17.90 -21.05
C ALA A 276 5.66 -17.63 -19.86
N LEU A 277 5.08 -17.75 -18.68
CA LEU A 277 5.82 -17.57 -17.44
C LEU A 277 5.78 -18.88 -16.69
N TYR A 278 6.93 -19.46 -16.42
CA TYR A 278 6.98 -20.68 -15.62
C TYR A 278 7.23 -20.32 -14.17
N ILE A 279 6.57 -21.03 -13.26
CA ILE A 279 6.67 -20.77 -11.85
C ILE A 279 6.94 -22.08 -11.13
N TRP A 280 8.10 -22.17 -10.49
CA TRP A 280 8.52 -23.33 -9.71
C TRP A 280 8.51 -23.01 -8.22
N GLU A 281 8.50 -24.06 -7.40
CA GLU A 281 8.92 -23.95 -6.02
C GLU A 281 10.44 -24.01 -5.90
N LYS A 282 11.01 -23.12 -5.09
CA LYS A 282 12.46 -23.11 -4.92
C LYS A 282 12.92 -24.29 -4.08
N SER A 283 12.17 -24.61 -3.03
CA SER A 283 12.57 -25.66 -2.09
C SER A 283 12.65 -27.01 -2.78
N ILE A 284 11.53 -27.48 -3.33
CA ILE A 284 11.42 -28.83 -3.86
C ILE A 284 11.81 -28.88 -5.34
N GLY A 285 11.43 -27.87 -6.12
CA GLY A 285 11.89 -27.72 -7.48
C GLY A 285 10.88 -27.96 -8.57
N ASN A 286 9.64 -28.33 -8.25
CA ASN A 286 8.70 -28.77 -9.25
C ASN A 286 7.90 -27.61 -9.84
N LEU A 287 7.66 -27.69 -11.15
CA LEU A 287 6.87 -26.68 -11.83
C LEU A 287 5.49 -26.59 -11.21
N VAL A 288 5.13 -25.42 -10.73
CA VAL A 288 3.82 -25.21 -10.11
C VAL A 288 2.78 -24.81 -11.13
N LYS A 289 3.12 -23.88 -12.03
CA LYS A 289 2.17 -23.48 -13.06
C LYS A 289 2.87 -22.65 -14.12
N ILE A 290 2.16 -22.50 -15.23
CA ILE A 290 2.62 -21.74 -16.39
C ILE A 290 1.49 -20.79 -16.77
N LEU A 291 1.82 -19.51 -16.87
CA LEU A 291 0.88 -18.51 -17.34
C LEU A 291 1.14 -18.24 -18.82
N HIS A 292 0.11 -18.36 -19.64
CA HIS A 292 0.21 -18.13 -21.08
C HIS A 292 -0.44 -16.79 -21.41
N GLY A 293 0.30 -15.93 -22.09
CA GLY A 293 -0.26 -14.75 -22.69
C GLY A 293 -0.64 -15.00 -24.14
N THR A 294 -0.99 -13.93 -24.83
CA THR A 294 -1.30 -14.01 -26.24
C THR A 294 -0.09 -14.53 -27.02
N ARG A 295 -0.38 -15.08 -28.19
CA ARG A 295 0.65 -15.73 -28.99
C ARG A 295 1.39 -14.76 -29.91
N GLY A 296 0.78 -13.64 -30.28
CA GLY A 296 1.47 -12.70 -31.14
C GLY A 296 2.71 -12.10 -30.50
N GLU A 297 2.65 -11.86 -29.19
CA GLU A 297 3.49 -10.85 -28.54
C GLU A 297 4.80 -11.41 -28.00
N LEU A 298 5.81 -10.54 -27.96
CA LEU A 298 7.12 -10.88 -27.45
C LEU A 298 7.26 -10.38 -26.02
N LEU A 299 7.70 -11.27 -25.12
CA LEU A 299 7.89 -10.91 -23.72
C LEU A 299 9.11 -10.02 -23.53
N LEU A 300 8.92 -8.88 -22.85
CA LEU A 300 9.99 -7.94 -22.57
C LEU A 300 10.50 -7.96 -21.14
N ASP A 301 9.61 -8.00 -20.13
CA ASP A 301 10.05 -7.96 -18.73
C ASP A 301 9.06 -8.69 -17.85
N VAL A 302 9.52 -9.10 -16.66
CA VAL A 302 8.66 -9.72 -15.65
C VAL A 302 9.12 -9.23 -14.29
N ALA A 303 8.16 -8.92 -13.41
CA ALA A 303 8.48 -8.63 -12.02
C ALA A 303 7.44 -9.28 -11.13
N TRP A 304 7.88 -9.66 -9.94
CA TRP A 304 7.02 -10.27 -8.95
C TRP A 304 6.79 -9.25 -7.84
N HIS A 305 5.55 -9.15 -7.40
CA HIS A 305 5.18 -8.18 -6.37
C HIS A 305 5.93 -8.47 -5.08
N PRO A 306 6.50 -7.46 -4.43
CA PRO A 306 7.25 -7.72 -3.17
C PRO A 306 6.43 -8.34 -2.05
N VAL A 307 5.10 -8.15 -1.96
CA VAL A 307 4.38 -8.69 -0.80
C VAL A 307 3.05 -9.34 -1.17
N ARG A 308 2.84 -9.67 -2.44
CA ARG A 308 1.57 -10.28 -2.82
C ARG A 308 1.81 -11.27 -3.93
N PRO A 309 0.95 -12.27 -4.08
CA PRO A 309 1.00 -13.16 -5.25
C PRO A 309 0.52 -12.48 -6.52
N ILE A 310 1.19 -11.40 -6.88
CA ILE A 310 0.94 -10.63 -8.08
C ILE A 310 2.24 -10.63 -8.88
N ILE A 311 2.11 -10.70 -10.21
CA ILE A 311 3.24 -10.69 -11.14
C ILE A 311 2.92 -9.69 -12.26
N ALA A 312 3.89 -8.86 -12.60
CA ALA A 312 3.75 -7.94 -13.72
C ALA A 312 4.56 -8.43 -14.92
N SER A 313 3.95 -8.32 -16.12
CA SER A 313 4.48 -8.75 -17.39
C SER A 313 4.43 -7.61 -18.38
N ILE A 314 5.48 -7.44 -19.19
CA ILE A 314 5.46 -6.56 -20.35
C ILE A 314 5.69 -7.43 -21.60
N SER A 315 4.79 -7.29 -22.56
CA SER A 315 4.98 -7.91 -23.86
C SER A 315 4.41 -6.95 -24.88
N SER A 316 5.22 -6.64 -25.89
CA SER A 316 4.80 -5.72 -26.95
C SER A 316 4.26 -4.42 -26.34
N GLY A 317 4.93 -3.92 -25.32
CA GLY A 317 4.62 -2.60 -24.81
C GLY A 317 3.34 -2.51 -24.01
N VAL A 318 2.74 -3.65 -23.66
CA VAL A 318 1.56 -3.69 -22.83
C VAL A 318 1.90 -4.37 -21.52
N VAL A 319 1.54 -3.74 -20.41
CA VAL A 319 1.70 -4.32 -19.08
C VAL A 319 0.49 -5.21 -18.77
N SER A 320 0.75 -6.41 -18.27
CA SER A 320 -0.28 -7.34 -17.82
C SER A 320 -0.03 -7.68 -16.35
N ILE A 321 -1.08 -7.58 -15.54
CA ILE A 321 -1.04 -7.94 -14.13
C ILE A 321 -1.69 -9.30 -13.98
N TRP A 322 -0.99 -10.22 -13.33
CA TRP A 322 -1.54 -11.54 -13.01
C TRP A 322 -1.67 -11.63 -11.50
N ALA A 323 -2.88 -11.87 -11.01
CA ALA A 323 -3.08 -11.86 -9.58
C ALA A 323 -3.82 -13.11 -9.15
N GLN A 324 -3.77 -13.35 -7.84
CA GLN A 324 -4.32 -14.56 -7.25
C GLN A 324 -4.99 -14.14 -5.96
N ASN A 325 -6.32 -14.27 -5.91
CA ASN A 325 -7.05 -14.01 -4.68
C ASN A 325 -7.22 -15.29 -3.90
N GLN A 326 -7.49 -15.16 -2.60
CA GLN A 326 -7.55 -16.33 -1.75
C GLN A 326 -8.86 -17.09 -1.96
N VAL A 327 -8.92 -18.29 -1.38
CA VAL A 327 -9.92 -19.32 -1.64
C VAL A 327 -11.34 -18.75 -1.75
N GLU A 328 -11.60 -17.67 -1.04
CA GLU A 328 -12.94 -17.11 -0.91
C GLU A 328 -13.40 -16.40 -2.19
N ASN A 329 -13.75 -15.12 -2.02
CA ASN A 329 -14.20 -14.20 -3.05
C ASN A 329 -15.57 -14.53 -3.63
N TRP A 330 -16.07 -15.75 -3.39
CA TRP A 330 -17.52 -15.99 -3.34
C TRP A 330 -17.84 -17.38 -2.86
N SER A 331 -16.84 -18.27 -2.85
CA SER A 331 -17.02 -19.51 -2.12
C SER A 331 -17.25 -19.28 -0.61
N ALA A 332 -17.19 -18.03 -0.16
CA ALA A 332 -17.29 -17.69 1.25
C ALA A 332 -18.51 -16.84 1.59
N PHE A 333 -19.38 -16.53 0.63
CA PHE A 333 -20.59 -15.74 0.87
C PHE A 333 -20.24 -14.44 1.60
N ALA A 334 -19.39 -13.66 0.98
CA ALA A 334 -18.93 -12.41 1.55
C ALA A 334 -19.81 -11.27 1.06
N PRO A 335 -19.75 -10.11 1.72
CA PRO A 335 -20.55 -8.97 1.27
C PRO A 335 -20.11 -8.50 -0.10
N ASP A 336 -21.01 -7.88 -0.82
CA ASP A 336 -20.71 -7.42 -2.17
C ASP A 336 -19.89 -6.14 -2.13
N PHE A 337 -18.94 -6.06 -3.05
CA PHE A 337 -18.04 -4.93 -3.22
C PHE A 337 -18.22 -4.40 -4.63
N LYS A 338 -18.52 -3.12 -4.75
CA LYS A 338 -18.59 -2.54 -6.08
C LYS A 338 -17.69 -1.33 -6.10
N GLU A 339 -17.08 -1.09 -7.25
CA GLU A 339 -16.09 -0.05 -7.41
C GLU A 339 -16.60 0.95 -8.42
N LEU A 340 -16.54 2.23 -8.06
CA LEU A 340 -16.95 3.29 -8.95
C LEU A 340 -15.70 4.11 -9.21
N ASP A 341 -15.23 4.11 -10.45
CA ASP A 341 -13.98 4.72 -10.83
C ASP A 341 -14.25 5.99 -11.63
N GLU A 342 -13.61 7.07 -11.26
CA GLU A 342 -13.77 8.35 -11.92
C GLU A 342 -12.46 8.65 -12.63
N ASN A 343 -12.39 8.36 -13.94
CA ASN A 343 -11.22 8.74 -14.71
C ASN A 343 -11.07 10.26 -14.73
N VAL A 344 -9.97 10.77 -14.18
CA VAL A 344 -9.63 12.18 -14.31
C VAL A 344 -8.30 12.30 -15.07
N GLU A 345 -8.06 13.48 -15.59
CA GLU A 345 -6.90 13.72 -16.43
C GLU A 345 -5.66 13.82 -15.55
N TYR A 346 -4.57 13.22 -16.01
CA TYR A 346 -3.33 13.29 -15.24
C TYR A 346 -2.88 14.74 -15.09
N GLU A 347 -2.54 15.13 -13.87
CA GLU A 347 -1.99 16.45 -13.61
C GLU A 347 -0.87 16.35 -12.59
N GLU A 348 0.03 17.34 -12.61
CA GLU A 348 1.20 17.35 -11.74
C GLU A 348 0.92 18.06 -10.41
N ALA B 18 -35.93 -20.81 -6.05
CA ALA B 18 -36.17 -20.49 -4.65
C ALA B 18 -34.87 -20.14 -3.91
N ASP B 19 -35.03 -19.69 -2.67
CA ASP B 19 -33.97 -19.01 -1.93
C ASP B 19 -32.88 -20.00 -1.50
N GLY B 20 -31.86 -19.45 -0.84
CA GLY B 20 -30.73 -20.25 -0.42
C GLY B 20 -29.53 -19.40 -0.05
N THR B 21 -28.91 -18.78 -1.04
CA THR B 21 -27.69 -18.01 -0.81
C THR B 21 -27.96 -16.64 -0.18
N LEU B 22 -29.18 -16.12 -0.26
CA LEU B 22 -29.49 -14.91 0.47
C LEU B 22 -29.32 -15.12 1.97
N ASP B 23 -29.53 -16.35 2.44
CA ASP B 23 -29.47 -16.60 3.87
C ASP B 23 -28.07 -16.34 4.42
N CYS B 24 -27.02 -16.75 3.71
CA CYS B 24 -25.67 -16.71 4.25
C CYS B 24 -24.76 -15.63 3.68
N ILE B 25 -25.21 -14.84 2.68
CA ILE B 25 -24.41 -13.71 2.24
C ILE B 25 -24.42 -12.61 3.29
N SER B 26 -23.25 -12.06 3.58
CA SER B 26 -23.08 -11.06 4.62
C SER B 26 -23.52 -9.67 4.14
N MET B 27 -24.02 -8.88 5.07
CA MET B 27 -24.24 -7.47 4.87
C MET B 27 -23.13 -6.70 5.57
N ALA B 28 -22.48 -5.80 4.85
CA ALA B 28 -21.50 -4.90 5.46
C ALA B 28 -22.20 -3.81 6.25
N LEU B 29 -21.65 -3.50 7.43
CA LEU B 29 -22.24 -2.47 8.28
C LEU B 29 -21.26 -1.37 8.66
N THR B 30 -19.98 -1.69 8.75
CA THR B 30 -18.99 -0.72 9.18
C THR B 30 -17.66 -1.11 8.54
N CYS B 31 -16.82 -0.11 8.27
CA CYS B 31 -15.60 -0.33 7.50
C CYS B 31 -14.53 0.67 7.92
N THR B 32 -13.27 0.26 7.82
CA THR B 32 -12.19 1.18 8.15
C THR B 32 -10.90 0.76 7.44
N PHE B 33 -10.12 1.74 6.99
CA PHE B 33 -8.85 1.47 6.33
C PHE B 33 -7.76 1.24 7.37
N ASN B 34 -6.74 0.46 7.01
CA ASN B 34 -5.52 0.44 7.82
C ASN B 34 -4.70 1.68 7.53
N ARG B 35 -3.57 1.83 8.23
CA ARG B 35 -2.89 3.12 8.19
C ARG B 35 -2.36 3.48 6.79
N TRP B 36 -2.02 2.50 5.98
CA TRP B 36 -1.55 2.79 4.63
C TRP B 36 -2.61 2.61 3.57
N GLY B 37 -3.78 2.07 3.92
CA GLY B 37 -4.85 2.02 2.95
C GLY B 37 -4.64 0.94 1.94
N THR B 38 -3.90 -0.09 2.30
CA THR B 38 -3.84 -1.28 1.48
C THR B 38 -4.98 -2.24 1.81
N LEU B 39 -5.52 -2.14 3.03
CA LEU B 39 -6.55 -3.05 3.50
C LEU B 39 -7.74 -2.27 4.00
N LEU B 40 -8.93 -2.76 3.70
CA LEU B 40 -10.19 -2.25 4.21
C LEU B 40 -10.82 -3.33 5.08
N ALA B 41 -10.95 -3.08 6.38
CA ALA B 41 -11.65 -4.02 7.26
C ALA B 41 -13.14 -3.71 7.29
N VAL B 42 -13.96 -4.74 7.16
CA VAL B 42 -15.38 -4.57 7.00
C VAL B 42 -16.10 -5.49 7.96
N GLY B 43 -16.91 -4.91 8.85
CA GLY B 43 -17.67 -5.69 9.81
C GLY B 43 -19.08 -5.98 9.31
N CYS B 44 -19.58 -7.16 9.62
CA CYS B 44 -20.83 -7.63 9.02
C CYS B 44 -21.90 -7.98 10.04
N ASN B 45 -23.08 -8.26 9.51
CA ASN B 45 -24.24 -8.54 10.36
C ASN B 45 -24.10 -9.88 11.05
N ASP B 46 -23.43 -10.82 10.40
CA ASP B 46 -23.25 -12.18 10.89
C ASP B 46 -22.04 -12.30 11.81
N GLY B 47 -21.51 -11.18 12.32
CA GLY B 47 -20.37 -11.17 13.22
C GLY B 47 -19.01 -11.31 12.56
N ARG B 48 -18.95 -11.52 11.26
CA ARG B 48 -17.66 -11.69 10.60
C ARG B 48 -17.00 -10.33 10.33
N ILE B 49 -15.68 -10.36 10.23
CA ILE B 49 -14.90 -9.22 9.79
C ILE B 49 -14.20 -9.63 8.48
N VAL B 50 -14.51 -8.92 7.41
CA VAL B 50 -13.96 -9.21 6.09
C VAL B 50 -12.83 -8.23 5.79
N ILE B 51 -11.65 -8.75 5.50
CA ILE B 51 -10.49 -7.92 5.18
C ILE B 51 -10.35 -7.87 3.67
N TRP B 52 -10.47 -6.69 3.10
CA TRP B 52 -10.47 -6.53 1.65
C TRP B 52 -9.19 -5.81 1.26
N ASP B 53 -8.54 -6.34 0.21
CA ASP B 53 -7.18 -5.99 -0.18
C ASP B 53 -7.21 -5.10 -1.41
N PHE B 54 -6.74 -3.86 -1.28
CA PHE B 54 -6.68 -3.00 -2.46
C PHE B 54 -5.68 -3.49 -3.50
N LEU B 55 -4.61 -4.17 -3.10
CA LEU B 55 -3.61 -4.54 -4.10
C LEU B 55 -4.16 -5.61 -5.04
N THR B 56 -4.76 -6.67 -4.50
CA THR B 56 -5.36 -7.71 -5.33
C THR B 56 -6.82 -7.46 -5.70
N ARG B 57 -7.50 -6.47 -5.10
CA ARG B 57 -8.90 -6.17 -5.41
C ARG B 57 -9.80 -7.39 -5.12
N GLY B 58 -9.59 -8.00 -3.97
CA GLY B 58 -10.38 -9.15 -3.57
C GLY B 58 -10.18 -9.38 -2.09
N ILE B 59 -10.84 -10.41 -1.57
CA ILE B 59 -10.82 -10.65 -0.13
C ILE B 59 -9.54 -11.36 0.26
N ALA B 60 -8.84 -10.81 1.24
CA ALA B 60 -7.63 -11.45 1.78
C ALA B 60 -7.95 -12.44 2.90
N LYS B 61 -8.85 -12.08 3.83
CA LYS B 61 -9.10 -12.88 5.01
C LYS B 61 -10.47 -12.55 5.56
N ILE B 62 -11.09 -13.54 6.21
CA ILE B 62 -12.36 -13.39 6.89
C ILE B 62 -12.18 -13.84 8.33
N ILE B 63 -12.54 -12.97 9.29
CA ILE B 63 -12.44 -13.32 10.70
C ILE B 63 -13.85 -13.62 11.21
N SER B 64 -14.03 -14.78 11.83
CA SER B 64 -15.31 -15.17 12.43
C SER B 64 -15.28 -14.70 13.88
N ALA B 65 -15.80 -13.49 14.10
CA ALA B 65 -15.43 -12.68 15.25
C ALA B 65 -16.52 -12.61 16.31
N HIS B 66 -17.74 -12.33 15.91
CA HIS B 66 -18.81 -12.10 16.87
C HIS B 66 -20.00 -12.96 16.51
N ILE B 67 -20.80 -13.22 17.53
CA ILE B 67 -22.07 -13.89 17.31
C ILE B 67 -23.07 -12.92 16.67
N HIS B 68 -22.93 -11.63 16.92
CA HIS B 68 -23.88 -10.61 16.52
C HIS B 68 -23.24 -9.59 15.61
N PRO B 69 -24.02 -8.69 14.99
CA PRO B 69 -23.43 -7.69 14.10
C PRO B 69 -22.30 -6.93 14.76
N VAL B 70 -21.22 -6.73 14.04
CA VAL B 70 -20.20 -5.83 14.54
C VAL B 70 -20.56 -4.42 14.10
N CYS B 71 -20.38 -3.46 15.01
CA CYS B 71 -20.76 -2.08 14.75
C CYS B 71 -19.62 -1.09 14.80
N SER B 72 -18.49 -1.43 15.40
CA SER B 72 -17.36 -0.52 15.41
C SER B 72 -16.08 -1.32 15.17
N LEU B 73 -15.10 -0.68 14.52
CA LEU B 73 -13.85 -1.31 14.13
C LEU B 73 -12.74 -0.27 14.14
N CYS B 74 -11.55 -0.64 14.62
CA CYS B 74 -10.38 0.24 14.52
C CYS B 74 -9.11 -0.60 14.35
N TRP B 75 -8.24 -0.14 13.44
CA TRP B 75 -6.92 -0.72 13.17
C TRP B 75 -5.86 -0.14 14.10
N SER B 76 -4.96 -0.99 14.58
CA SER B 76 -3.80 -0.52 15.34
C SER B 76 -2.81 0.18 14.42
N ARG B 77 -1.95 1.00 15.04
CA ARG B 77 -0.93 1.73 14.29
C ARG B 77 -0.03 0.79 13.47
N ASP B 78 0.31 -0.38 13.99
CA ASP B 78 1.26 -1.24 13.28
C ASP B 78 0.59 -2.16 12.27
N GLY B 79 -0.73 -2.18 12.19
CA GLY B 79 -1.41 -2.92 11.17
C GLY B 79 -1.69 -4.37 11.50
N HIS B 80 -1.31 -4.83 12.68
CA HIS B 80 -1.42 -6.24 13.04
C HIS B 80 -2.67 -6.57 13.84
N LYS B 81 -3.21 -5.62 14.60
CA LYS B 81 -4.40 -5.90 15.40
C LYS B 81 -5.60 -5.10 14.91
N LEU B 82 -6.78 -5.66 15.12
CA LEU B 82 -8.06 -5.02 14.90
C LEU B 82 -8.84 -5.03 16.21
N VAL B 83 -9.36 -3.87 16.63
CA VAL B 83 -10.32 -3.84 17.73
C VAL B 83 -11.72 -3.67 17.15
N SER B 84 -12.69 -4.37 17.74
CA SER B 84 -14.04 -4.41 17.20
C SER B 84 -15.05 -4.45 18.32
N ALA B 85 -16.25 -3.95 18.04
CA ALA B 85 -17.36 -3.96 18.98
C ALA B 85 -18.58 -4.54 18.30
N SER B 86 -19.31 -5.36 19.04
CA SER B 86 -20.52 -6.01 18.57
C SER B 86 -21.71 -5.43 19.30
N THR B 87 -22.90 -5.89 18.90
CA THR B 87 -24.12 -5.52 19.60
C THR B 87 -24.35 -6.34 20.86
N ASP B 88 -23.49 -7.33 21.15
CA ASP B 88 -23.44 -8.05 22.42
C ASP B 88 -22.87 -7.22 23.56
N ASN B 89 -22.51 -5.96 23.33
CA ASN B 89 -21.71 -5.20 24.29
C ASN B 89 -20.34 -5.86 24.53
N ILE B 90 -19.79 -6.49 23.49
CA ILE B 90 -18.49 -7.16 23.56
C ILE B 90 -17.47 -6.36 22.76
N VAL B 91 -16.35 -6.03 23.39
CA VAL B 91 -15.22 -5.38 22.72
C VAL B 91 -14.09 -6.40 22.64
N SER B 92 -13.69 -6.79 21.42
CA SER B 92 -12.64 -7.78 21.19
C SER B 92 -11.44 -7.20 20.44
N GLN B 93 -10.24 -7.73 20.73
CA GLN B 93 -9.06 -7.48 19.91
C GLN B 93 -8.75 -8.70 19.07
N TRP B 94 -8.50 -8.48 17.79
CA TRP B 94 -8.26 -9.55 16.83
C TRP B 94 -6.85 -9.44 16.26
N ASP B 95 -6.22 -10.58 16.09
CA ASP B 95 -4.92 -10.69 15.44
C ASP B 95 -5.19 -11.03 13.99
N VAL B 96 -4.87 -10.11 13.08
CA VAL B 96 -5.39 -10.25 11.72
C VAL B 96 -4.68 -11.36 10.94
N LEU B 97 -3.39 -11.58 11.18
CA LEU B 97 -2.66 -12.61 10.44
C LEU B 97 -3.21 -14.00 10.72
N SER B 98 -3.48 -14.32 11.99
CA SER B 98 -3.99 -15.64 12.36
C SER B 98 -5.52 -15.69 12.43
N GLY B 99 -6.16 -14.56 12.68
CA GLY B 99 -7.59 -14.55 12.90
C GLY B 99 -8.01 -14.90 14.30
N ASP B 100 -7.09 -14.89 15.26
CA ASP B 100 -7.38 -15.31 16.61
C ASP B 100 -7.79 -14.12 17.46
N CYS B 101 -8.71 -14.35 18.39
CA CYS B 101 -9.02 -13.37 19.41
C CYS B 101 -7.87 -13.26 20.40
N ASP B 102 -7.50 -12.03 20.74
CA ASP B 102 -6.48 -11.80 21.76
C ASP B 102 -7.06 -11.51 23.12
N GLN B 103 -8.29 -10.96 23.17
CA GLN B 103 -8.83 -10.43 24.40
C GLN B 103 -10.26 -9.97 24.20
N ARG B 104 -11.12 -10.15 25.20
CA ARG B 104 -12.53 -9.79 25.09
C ARG B 104 -12.98 -9.06 26.34
N PHE B 105 -13.88 -8.09 26.15
CA PHE B 105 -14.48 -7.35 27.24
C PHE B 105 -16.00 -7.41 27.11
N ARG B 106 -16.68 -7.50 28.26
CA ARG B 106 -18.13 -7.47 28.32
C ARG B 106 -18.56 -6.15 28.91
N PHE B 107 -19.26 -5.40 28.17
CA PHE B 107 -19.74 -4.17 28.75
C PHE B 107 -21.21 -4.31 29.14
N PRO B 108 -21.66 -3.49 30.08
CA PRO B 108 -23.09 -3.19 30.17
C PRO B 108 -23.42 -2.05 29.22
N SER B 109 -24.62 -2.12 28.63
CA SER B 109 -25.08 -1.14 27.67
C SER B 109 -24.26 -1.21 26.38
N PRO B 110 -24.84 -0.82 25.25
CA PRO B 110 -24.14 -0.99 23.97
C PRO B 110 -22.93 -0.08 23.85
N ILE B 111 -22.15 -0.37 22.81
CA ILE B 111 -20.94 0.36 22.48
C ILE B 111 -21.19 1.17 21.22
N LEU B 112 -20.94 2.46 21.26
CA LEU B 112 -21.01 3.21 20.01
C LEU B 112 -19.72 3.14 19.21
N LYS B 113 -18.56 3.21 19.87
CA LYS B 113 -17.31 3.43 19.16
C LYS B 113 -16.16 2.84 19.97
N VAL B 114 -15.18 2.30 19.24
CA VAL B 114 -13.90 1.84 19.79
C VAL B 114 -12.79 2.48 18.97
N GLN B 115 -11.70 2.84 19.64
CA GLN B 115 -10.63 3.55 18.97
C GLN B 115 -9.32 3.25 19.68
N TYR B 116 -8.32 2.83 18.91
CA TYR B 116 -6.96 2.70 19.42
C TYR B 116 -6.37 4.09 19.66
N HIS B 117 -5.59 4.21 20.72
CA HIS B 117 -4.66 5.32 20.87
C HIS B 117 -3.73 5.33 19.66
N PRO B 118 -3.66 6.44 18.92
CA PRO B 118 -2.97 6.41 17.61
C PRO B 118 -1.47 6.19 17.71
N ARG B 119 -0.87 6.26 18.89
CA ARG B 119 0.55 6.05 19.03
C ARG B 119 0.91 4.88 19.93
N ASP B 120 -0.03 4.39 20.72
CA ASP B 120 0.24 3.32 21.68
C ASP B 120 -0.99 2.41 21.69
N GLN B 121 -0.90 1.31 20.96
CA GLN B 121 -1.99 0.38 20.78
C GLN B 121 -2.19 -0.54 21.98
N ASN B 122 -1.58 -0.24 23.12
CA ASN B 122 -2.03 -0.88 24.35
C ASN B 122 -3.23 -0.17 24.98
N LYS B 123 -3.63 0.98 24.48
CA LYS B 123 -4.76 1.71 25.04
C LYS B 123 -5.91 1.75 24.05
N VAL B 124 -7.11 1.46 24.51
CA VAL B 124 -8.30 1.56 23.68
C VAL B 124 -9.32 2.44 24.39
N LEU B 125 -9.92 3.36 23.63
CA LEU B 125 -11.02 4.19 24.07
C LEU B 125 -12.32 3.51 23.61
N VAL B 126 -13.19 3.18 24.57
CA VAL B 126 -14.50 2.63 24.29
C VAL B 126 -15.54 3.65 24.71
N CYS B 127 -16.56 3.83 23.86
CA CYS B 127 -17.64 4.79 24.11
C CYS B 127 -18.95 4.02 24.26
N PRO B 128 -19.35 3.67 25.47
CA PRO B 128 -20.66 3.04 25.66
C PRO B 128 -21.75 4.09 25.59
N MET B 129 -22.94 3.61 25.21
CA MET B 129 -24.06 4.50 24.94
C MET B 129 -24.57 5.15 26.22
N LYS B 130 -25.04 4.34 27.16
CA LYS B 130 -25.56 4.85 28.41
C LYS B 130 -24.46 5.53 29.22
N SER B 131 -23.27 4.96 29.22
CA SER B 131 -22.23 5.28 30.19
C SER B 131 -21.29 6.38 29.69
N ALA B 132 -20.35 6.74 30.55
CA ALA B 132 -19.24 7.60 30.23
C ALA B 132 -18.13 6.81 29.55
N PRO B 133 -17.27 7.48 28.79
CA PRO B 133 -16.22 6.75 28.05
C PRO B 133 -15.17 6.16 28.98
N VAL B 134 -14.64 5.02 28.55
CA VAL B 134 -13.68 4.24 29.32
C VAL B 134 -12.44 4.05 28.47
N MET B 135 -11.26 4.09 29.11
CA MET B 135 -10.01 3.83 28.43
C MET B 135 -9.39 2.55 29.00
N LEU B 136 -9.25 1.55 28.16
CA LEU B 136 -8.63 0.29 28.55
C LEU B 136 -7.13 0.33 28.32
N THR B 137 -6.38 -0.28 29.24
CA THR B 137 -5.00 -0.71 28.98
C THR B 137 -5.04 -2.23 28.86
N LEU B 138 -4.52 -2.75 27.76
CA LEU B 138 -4.78 -4.15 27.42
C LEU B 138 -3.70 -5.11 27.88
N SER B 139 -2.51 -4.65 28.19
CA SER B 139 -1.50 -5.57 28.69
C SER B 139 -1.85 -6.17 30.04
N ASP B 140 -3.01 -5.82 30.61
CA ASP B 140 -3.30 -6.00 32.03
C ASP B 140 -4.75 -5.63 32.37
N SER B 141 -5.47 -5.08 31.39
CA SER B 141 -6.92 -4.98 31.39
C SER B 141 -7.49 -4.01 32.42
N LYS B 142 -6.71 -3.04 32.91
CA LYS B 142 -7.36 -1.98 33.67
C LYS B 142 -8.18 -1.11 32.76
N HIS B 143 -9.32 -0.69 33.26
CA HIS B 143 -10.08 0.38 32.67
C HIS B 143 -9.97 1.60 33.57
N VAL B 144 -10.41 2.73 33.04
CA VAL B 144 -10.50 3.96 33.82
C VAL B 144 -11.53 4.89 33.20
N VAL B 145 -12.65 5.08 33.91
CA VAL B 145 -13.70 5.97 33.41
C VAL B 145 -13.18 7.40 33.36
N LEU B 146 -13.50 8.10 32.29
CA LEU B 146 -13.16 9.52 32.19
C LEU B 146 -14.25 10.37 32.82
N PRO B 147 -13.90 11.57 33.29
CA PRO B 147 -14.92 12.49 33.82
C PRO B 147 -15.92 12.91 32.74
N VAL B 148 -17.10 13.31 33.20
CA VAL B 148 -18.18 13.80 32.35
C VAL B 148 -18.82 15.01 33.03
N ASP B 149 -19.17 16.00 32.24
CA ASP B 149 -19.80 17.18 32.83
C ASP B 149 -21.30 16.98 32.98
N ASP B 150 -21.89 17.69 33.95
CA ASP B 150 -23.32 17.83 34.22
C ASP B 150 -24.09 16.50 34.27
N ASP B 151 -23.41 15.40 33.94
CA ASP B 151 -24.00 14.06 33.94
C ASP B 151 -25.28 13.99 33.12
N SER B 152 -25.16 14.47 31.88
CA SER B 152 -25.99 14.05 30.76
C SER B 152 -25.30 12.92 30.04
N ASP B 153 -24.68 12.03 30.83
CA ASP B 153 -23.76 11.01 30.32
C ASP B 153 -24.43 10.02 29.39
N LEU B 154 -25.75 10.11 29.18
CA LEU B 154 -26.35 9.60 27.97
C LEU B 154 -25.55 10.12 26.77
N ASN B 155 -25.21 9.22 25.85
CA ASN B 155 -24.61 9.58 24.58
C ASN B 155 -23.42 10.53 24.76
N VAL B 156 -22.33 9.97 25.25
CA VAL B 156 -21.05 10.68 25.24
C VAL B 156 -20.23 10.10 24.10
N VAL B 157 -19.75 10.96 23.22
CA VAL B 157 -18.82 10.54 22.19
C VAL B 157 -17.45 11.13 22.54
N ALA B 158 -16.40 10.48 22.03
CA ALA B 158 -15.04 10.91 22.34
C ALA B 158 -14.08 10.45 21.25
N SER B 159 -12.90 11.05 21.25
CA SER B 159 -11.89 10.69 20.29
C SER B 159 -10.54 11.15 20.79
N PHE B 160 -9.51 10.35 20.52
CA PHE B 160 -8.17 10.87 20.68
C PHE B 160 -7.94 11.93 19.62
N ASP B 161 -7.09 12.89 19.93
CA ASP B 161 -6.59 13.80 18.92
C ASP B 161 -5.53 13.05 18.10
N ARG B 162 -4.84 13.76 17.19
CA ARG B 162 -4.05 13.07 16.18
C ARG B 162 -2.91 12.27 16.78
N ARG B 163 -2.15 12.88 17.69
CA ARG B 163 -1.03 12.20 18.34
C ARG B 163 -1.41 11.51 19.64
N GLY B 164 -2.66 11.62 20.07
CA GLY B 164 -3.13 10.89 21.23
C GLY B 164 -2.74 11.47 22.58
N GLU B 165 -2.29 12.73 22.63
CA GLU B 165 -2.00 13.38 23.89
C GLU B 165 -3.25 13.88 24.60
N TYR B 166 -4.36 14.04 23.87
CA TYR B 166 -5.59 14.52 24.47
C TYR B 166 -6.75 13.67 24.00
N ILE B 167 -7.73 13.50 24.88
CA ILE B 167 -9.02 12.93 24.54
C ILE B 167 -10.03 14.05 24.54
N TYR B 168 -10.84 14.12 23.48
CA TYR B 168 -11.89 15.11 23.34
C TYR B 168 -13.23 14.42 23.51
N THR B 169 -14.06 14.93 24.42
CA THR B 169 -15.37 14.34 24.65
C THR B 169 -16.44 15.36 24.31
N GLY B 170 -17.62 14.86 23.95
CA GLY B 170 -18.76 15.68 23.61
C GLY B 170 -20.05 14.99 24.00
N ASN B 171 -20.97 15.71 24.62
CA ASN B 171 -22.19 15.11 25.14
C ASN B 171 -23.44 15.67 24.45
N ALA B 172 -24.60 15.27 24.93
CA ALA B 172 -25.88 15.65 24.32
C ALA B 172 -26.23 17.11 24.55
N LYS B 173 -25.48 17.81 25.40
CA LYS B 173 -25.72 19.22 25.65
C LYS B 173 -24.65 20.09 25.02
N GLY B 174 -23.91 19.58 24.06
CA GLY B 174 -22.92 20.36 23.36
C GLY B 174 -21.67 20.70 24.14
N LYS B 175 -21.42 20.03 25.27
CA LYS B 175 -20.22 20.33 26.03
C LYS B 175 -19.05 19.49 25.53
N ILE B 176 -17.96 20.15 25.19
CA ILE B 176 -16.76 19.49 24.73
C ILE B 176 -15.68 19.65 25.78
N LEU B 177 -15.16 18.54 26.29
CA LEU B 177 -14.02 18.53 27.19
C LEU B 177 -12.78 18.07 26.44
N VAL B 178 -11.64 18.68 26.76
CA VAL B 178 -10.34 18.21 26.31
C VAL B 178 -9.59 17.73 27.55
N LEU B 179 -9.25 16.44 27.57
CA LEU B 179 -8.56 15.82 28.70
C LEU B 179 -7.15 15.41 28.32
N LYS B 180 -6.22 15.55 29.27
CA LYS B 180 -4.92 14.91 29.13
C LYS B 180 -5.12 13.39 29.09
N THR B 181 -4.33 12.72 28.26
CA THR B 181 -4.54 11.29 28.07
C THR B 181 -4.08 10.48 29.27
N ASP B 182 -2.84 10.70 29.71
CA ASP B 182 -2.32 9.95 30.85
C ASP B 182 -2.95 10.42 32.16
N SER B 183 -2.90 11.73 32.44
CA SER B 183 -3.33 12.24 33.73
C SER B 183 -4.84 12.38 33.88
N GLN B 184 -5.59 12.36 32.77
CA GLN B 184 -7.05 12.51 32.73
C GLN B 184 -7.53 13.86 33.25
N ASP B 185 -6.71 14.91 33.18
CA ASP B 185 -7.06 16.17 33.83
C ASP B 185 -7.55 17.19 32.82
N LEU B 186 -8.69 17.82 33.13
CA LEU B 186 -9.36 18.76 32.24
C LEU B 186 -8.47 19.96 31.90
N VAL B 187 -8.12 20.12 30.63
CA VAL B 187 -7.25 21.20 30.18
C VAL B 187 -7.96 22.21 29.29
N ALA B 188 -9.13 21.87 28.75
CA ALA B 188 -9.91 22.87 28.03
C ALA B 188 -11.35 22.40 27.97
N SER B 189 -12.25 23.36 27.73
CA SER B 189 -13.65 23.02 27.59
C SER B 189 -14.32 24.17 26.85
N PHE B 190 -15.47 23.88 26.26
CA PHE B 190 -16.34 24.88 25.64
C PHE B 190 -17.66 24.21 25.31
N ARG B 191 -18.61 25.03 24.88
CA ARG B 191 -19.97 24.60 24.62
C ARG B 191 -20.37 25.13 23.26
N VAL B 192 -20.86 24.26 22.40
CA VAL B 192 -21.23 24.64 21.04
C VAL B 192 -22.71 24.96 21.05
N THR B 193 -23.05 26.15 20.59
CA THR B 193 -24.44 26.60 20.60
C THR B 193 -24.92 26.84 19.17
N THR B 194 -26.24 26.95 19.05
CA THR B 194 -26.82 27.25 17.76
C THR B 194 -26.74 28.74 17.49
N GLY B 195 -27.30 29.15 16.35
CA GLY B 195 -27.49 30.57 16.13
C GLY B 195 -28.52 31.20 17.05
N THR B 196 -29.29 30.39 17.77
CA THR B 196 -30.33 30.85 18.69
C THR B 196 -29.90 30.71 20.15
N SER B 197 -28.60 30.52 20.39
CA SER B 197 -27.99 30.29 21.70
C SER B 197 -28.54 29.06 22.44
N ASN B 198 -29.20 28.14 21.75
CA ASN B 198 -29.50 26.84 22.32
C ASN B 198 -28.32 25.88 22.15
N THR B 199 -28.28 24.85 22.97
CA THR B 199 -27.28 23.82 22.78
C THR B 199 -27.76 22.79 21.76
N THR B 200 -26.81 22.14 21.09
CA THR B 200 -27.14 20.99 20.27
C THR B 200 -26.21 19.83 20.60
N ALA B 201 -26.75 18.63 20.41
CA ALA B 201 -26.07 17.42 20.85
C ALA B 201 -24.85 17.16 19.96
N ILE B 202 -23.80 16.63 20.57
CA ILE B 202 -22.61 16.23 19.85
C ILE B 202 -22.78 14.79 19.41
N LYS B 203 -22.75 14.55 18.09
CA LYS B 203 -22.98 13.21 17.57
C LYS B 203 -21.71 12.47 17.17
N SER B 204 -20.65 13.16 16.78
CA SER B 204 -19.38 12.51 16.49
C SER B 204 -18.26 13.55 16.51
N ILE B 205 -17.05 13.07 16.78
CA ILE B 205 -15.83 13.88 16.74
C ILE B 205 -14.81 13.12 15.87
N GLU B 206 -14.19 13.82 14.93
CA GLU B 206 -13.20 13.23 14.02
C GLU B 206 -12.04 14.18 13.86
N PHE B 207 -10.83 13.66 14.05
CA PHE B 207 -9.60 14.42 13.81
C PHE B 207 -9.01 14.08 12.46
N ALA B 208 -8.34 15.06 11.87
CA ALA B 208 -7.64 14.85 10.63
C ALA B 208 -6.28 14.20 10.90
N ARG B 209 -5.75 13.54 9.87
CA ARG B 209 -4.48 12.83 9.96
C ARG B 209 -3.26 13.73 9.72
N LYS B 210 -3.44 14.91 9.14
CA LYS B 210 -2.42 15.95 9.16
C LYS B 210 -2.95 17.14 9.96
N GLY B 211 -2.05 17.91 10.54
CA GLY B 211 -2.44 19.15 11.17
C GLY B 211 -3.09 18.93 12.51
N SER B 212 -3.85 19.92 12.97
CA SER B 212 -4.49 19.81 14.28
C SER B 212 -5.97 20.14 14.23
N CYS B 213 -6.60 20.07 13.07
CA CYS B 213 -8.01 20.38 12.98
C CYS B 213 -8.83 19.12 13.23
N PHE B 214 -10.04 19.32 13.73
CA PHE B 214 -11.00 18.25 13.88
C PHE B 214 -12.38 18.80 13.57
N LEU B 215 -13.36 17.91 13.52
CA LEU B 215 -14.68 18.33 13.16
C LEU B 215 -15.68 17.68 14.11
N ILE B 216 -16.83 18.35 14.27
CA ILE B 216 -17.93 17.76 15.02
C ILE B 216 -19.21 17.80 14.18
N ASN B 217 -19.97 16.73 14.30
CA ASN B 217 -21.29 16.61 13.73
C ASN B 217 -22.29 16.83 14.86
N THR B 218 -23.17 17.80 14.71
CA THR B 218 -24.10 18.14 15.78
C THR B 218 -25.54 17.93 15.30
N ALA B 219 -26.43 17.81 16.27
CA ALA B 219 -27.82 17.52 15.92
C ALA B 219 -28.46 18.63 15.10
N ASP B 220 -27.84 19.81 15.01
CA ASP B 220 -28.41 20.88 14.21
C ASP B 220 -27.94 20.83 12.77
N ARG B 221 -27.38 19.69 12.34
CA ARG B 221 -27.08 19.42 10.94
C ARG B 221 -25.99 20.33 10.37
N ILE B 222 -25.11 20.82 11.24
CA ILE B 222 -23.98 21.64 10.82
C ILE B 222 -22.71 20.94 11.31
N ILE B 223 -21.82 20.65 10.37
CA ILE B 223 -20.48 20.17 10.69
C ILE B 223 -19.62 21.37 11.00
N ARG B 224 -18.98 21.37 12.17
CA ARG B 224 -18.10 22.45 12.57
C ARG B 224 -16.66 21.98 12.59
N VAL B 225 -15.77 22.79 12.04
CA VAL B 225 -14.35 22.48 11.97
C VAL B 225 -13.62 23.45 12.88
N TYR B 226 -12.88 22.93 13.84
CA TYR B 226 -12.08 23.70 14.78
C TYR B 226 -10.60 23.36 14.61
N ASP B 227 -9.74 24.29 15.03
CA ASP B 227 -8.32 24.04 15.23
C ASP B 227 -8.08 23.72 16.69
N GLY B 228 -7.61 22.50 16.98
CA GLY B 228 -7.32 22.12 18.35
C GLY B 228 -6.30 23.01 19.04
N ARG B 229 -5.46 23.71 18.27
CA ARG B 229 -4.56 24.69 18.86
C ARG B 229 -5.32 25.85 19.46
N GLU B 230 -6.33 26.35 18.73
CA GLU B 230 -7.13 27.45 19.27
C GLU B 230 -7.90 27.03 20.51
N ILE B 231 -8.19 25.74 20.65
CA ILE B 231 -9.02 25.31 21.76
C ILE B 231 -8.21 25.14 23.05
N LEU B 232 -7.01 24.59 22.96
CA LEU B 232 -6.17 24.51 24.15
C LEU B 232 -5.83 25.90 24.65
N THR B 233 -5.44 26.79 23.73
CA THR B 233 -5.28 28.22 24.01
C THR B 233 -6.45 28.77 24.83
N CYS B 234 -7.68 28.37 24.52
CA CYS B 234 -8.84 28.99 25.16
C CYS B 234 -9.05 28.49 26.58
N GLY B 235 -8.67 27.26 26.87
CA GLY B 235 -8.77 26.81 28.24
C GLY B 235 -10.20 26.52 28.65
N ARG B 236 -10.39 26.48 29.97
CA ARG B 236 -11.63 26.00 30.55
C ARG B 236 -12.76 26.99 30.37
N ASP B 237 -13.90 26.52 29.87
CA ASP B 237 -15.00 27.37 29.44
C ASP B 237 -14.47 28.55 28.62
N GLY B 238 -14.04 28.22 27.41
CA GLY B 238 -13.70 29.21 26.43
C GLY B 238 -14.85 29.41 25.47
N GLU B 239 -14.72 30.43 24.62
CA GLU B 239 -15.50 30.52 23.40
C GLU B 239 -14.47 30.51 22.27
N PRO B 240 -14.14 29.32 21.76
CA PRO B 240 -13.54 29.26 20.43
C PRO B 240 -14.63 29.18 19.37
N GLU B 241 -14.44 29.88 18.32
CA GLU B 241 -15.35 29.82 17.18
C GLU B 241 -14.83 28.81 16.15
N PRO B 242 -15.72 28.04 15.52
CA PRO B 242 -15.26 27.13 14.46
C PRO B 242 -14.65 27.89 13.31
N MET B 243 -13.63 27.26 12.69
CA MET B 243 -13.07 27.78 11.46
C MET B 243 -14.05 27.66 10.31
N GLN B 244 -14.86 26.61 10.32
CA GLN B 244 -15.76 26.39 9.20
C GLN B 244 -17.05 25.76 9.72
N LYS B 245 -18.17 26.18 9.14
CA LYS B 245 -19.46 25.58 9.43
C LYS B 245 -20.06 25.13 8.12
N LEU B 246 -20.26 23.85 7.98
CA LEU B 246 -20.59 23.24 6.70
C LEU B 246 -21.98 22.65 6.80
N GLN B 247 -22.79 22.84 5.76
CA GLN B 247 -24.16 22.34 5.84
C GLN B 247 -24.79 22.34 4.46
N ASP B 248 -25.83 21.52 4.34
CA ASP B 248 -26.67 21.46 3.16
C ASP B 248 -27.58 22.69 3.14
N LEU B 249 -27.26 23.67 2.31
CA LEU B 249 -28.08 24.87 2.28
C LEU B 249 -29.41 24.63 1.57
N VAL B 250 -29.49 23.66 0.69
CA VAL B 250 -30.71 23.43 -0.09
C VAL B 250 -31.69 22.52 0.66
N ASN B 251 -31.25 21.35 1.11
CA ASN B 251 -32.17 20.37 1.68
C ASN B 251 -31.99 20.15 3.18
N ARG B 252 -31.00 20.77 3.79
CA ARG B 252 -30.83 20.68 5.24
C ARG B 252 -30.76 19.22 5.69
N THR B 253 -30.10 18.40 4.89
CA THR B 253 -29.96 17.01 5.27
C THR B 253 -29.13 16.90 6.54
N PRO B 254 -29.50 16.01 7.46
CA PRO B 254 -28.61 15.67 8.56
C PRO B 254 -27.55 14.70 8.08
N TRP B 255 -26.49 14.55 8.89
CA TRP B 255 -25.30 13.86 8.46
C TRP B 255 -25.09 12.58 9.26
N LYS B 256 -24.99 11.46 8.55
CA LYS B 256 -24.78 10.16 9.20
C LYS B 256 -23.36 10.00 9.74
N LYS B 257 -22.36 10.50 9.00
CA LYS B 257 -20.97 10.26 9.31
C LYS B 257 -20.13 11.19 8.44
N CYS B 258 -19.03 11.72 9.00
CA CYS B 258 -18.09 12.54 8.25
C CYS B 258 -16.66 12.30 8.69
N CYS B 259 -15.73 12.67 7.82
CA CYS B 259 -14.32 12.55 8.15
C CYS B 259 -13.52 13.35 7.14
N PHE B 260 -12.25 13.57 7.48
CA PHE B 260 -11.33 14.32 6.64
C PHE B 260 -10.68 13.42 5.60
N SER B 261 -10.29 14.03 4.48
CA SER B 261 -9.32 13.40 3.59
C SER B 261 -8.01 13.17 4.35
N GLY B 262 -7.12 12.41 3.73
CA GLY B 262 -5.88 12.02 4.38
C GLY B 262 -4.98 13.20 4.72
N ASP B 263 -4.93 14.20 3.84
CA ASP B 263 -4.15 15.40 4.07
C ASP B 263 -4.93 16.48 4.83
N GLY B 264 -6.20 16.26 5.11
CA GLY B 264 -6.98 17.21 5.87
C GLY B 264 -7.51 18.41 5.10
N GLU B 265 -7.45 18.40 3.76
CA GLU B 265 -7.93 19.55 3.01
C GLU B 265 -9.39 19.45 2.57
N TYR B 266 -9.97 18.24 2.58
CA TYR B 266 -11.36 18.01 2.25
C TYR B 266 -12.07 17.32 3.41
N ILE B 267 -13.39 17.40 3.36
CA ILE B 267 -14.28 16.73 4.31
C ILE B 267 -15.37 16.05 3.51
N VAL B 268 -15.58 14.77 3.75
CA VAL B 268 -16.74 14.08 3.19
C VAL B 268 -17.78 13.89 4.28
N ALA B 269 -19.04 13.97 3.89
CA ALA B 269 -20.15 13.84 4.83
C ALA B 269 -21.25 13.07 4.16
N GLY B 270 -21.70 11.99 4.79
CA GLY B 270 -22.72 11.13 4.21
C GLY B 270 -24.11 11.53 4.70
N SER B 271 -25.00 11.78 3.76
CA SER B 271 -26.37 12.12 4.07
C SER B 271 -27.10 10.93 4.68
N ALA B 272 -27.79 11.17 5.79
CA ALA B 272 -28.65 10.19 6.45
C ALA B 272 -30.02 10.03 5.78
N ARG B 273 -30.28 10.68 4.63
CA ARG B 273 -31.61 10.66 4.03
C ARG B 273 -31.62 10.51 2.52
N GLN B 274 -30.50 10.77 1.86
CA GLN B 274 -30.27 10.39 0.48
C GLN B 274 -28.95 9.65 0.47
N HIS B 275 -28.83 8.68 -0.42
CA HIS B 275 -27.57 7.97 -0.59
C HIS B 275 -26.63 8.92 -1.33
N ALA B 276 -26.05 9.85 -0.57
CA ALA B 276 -25.31 10.96 -1.15
C ALA B 276 -24.14 11.35 -0.26
N LEU B 277 -22.98 11.55 -0.87
CA LEU B 277 -21.76 11.98 -0.19
C LEU B 277 -21.43 13.39 -0.65
N TYR B 278 -21.34 14.31 0.31
CA TYR B 278 -20.98 15.70 0.06
C TYR B 278 -19.51 15.91 0.40
N ILE B 279 -18.83 16.70 -0.41
CA ILE B 279 -17.39 16.90 -0.27
C ILE B 279 -17.09 18.40 -0.34
N TRP B 280 -16.50 18.93 0.71
CA TRP B 280 -16.09 20.33 0.78
C TRP B 280 -14.58 20.47 0.86
N GLU B 281 -14.08 21.60 0.37
CA GLU B 281 -12.73 22.02 0.72
C GLU B 281 -12.76 22.72 2.06
N LYS B 282 -11.90 22.25 2.97
CA LYS B 282 -11.97 22.67 4.37
C LYS B 282 -11.61 24.14 4.52
N SER B 283 -10.57 24.60 3.82
CA SER B 283 -10.06 25.95 4.05
C SER B 283 -11.07 27.02 3.65
N ILE B 284 -11.76 26.86 2.52
CA ILE B 284 -12.69 27.88 2.06
C ILE B 284 -14.14 27.44 2.23
N GLY B 285 -14.40 26.31 2.88
CA GLY B 285 -15.77 25.88 3.16
C GLY B 285 -16.63 25.56 1.95
N ASN B 286 -16.02 25.36 0.80
CA ASN B 286 -16.74 25.31 -0.47
C ASN B 286 -17.09 23.86 -0.84
N LEU B 287 -18.31 23.65 -1.31
CA LEU B 287 -18.78 22.32 -1.69
C LEU B 287 -18.40 22.04 -3.14
N VAL B 288 -17.56 21.03 -3.35
CA VAL B 288 -16.99 20.86 -4.67
C VAL B 288 -17.68 19.74 -5.45
N LYS B 289 -18.21 18.72 -4.75
CA LYS B 289 -18.96 17.72 -5.48
C LYS B 289 -19.85 16.93 -4.55
N ILE B 290 -20.78 16.20 -5.16
CA ILE B 290 -21.67 15.28 -4.48
C ILE B 290 -21.63 13.95 -5.20
N LEU B 291 -21.44 12.87 -4.46
CA LEU B 291 -21.51 11.52 -5.01
C LEU B 291 -22.87 10.94 -4.68
N HIS B 292 -23.66 10.66 -5.71
CA HIS B 292 -24.98 10.05 -5.56
C HIS B 292 -24.87 8.53 -5.70
N GLY B 293 -25.14 7.82 -4.62
CA GLY B 293 -25.30 6.39 -4.69
C GLY B 293 -26.62 6.04 -5.34
N THR B 294 -26.83 4.73 -5.53
CA THR B 294 -28.06 4.26 -6.13
C THR B 294 -29.25 4.66 -5.25
N ARG B 295 -30.28 5.18 -5.89
CA ARG B 295 -31.37 5.77 -5.12
C ARG B 295 -32.07 4.72 -4.28
N GLY B 296 -32.46 5.13 -3.07
CA GLY B 296 -33.26 4.28 -2.21
C GLY B 296 -32.50 3.52 -1.14
N GLU B 297 -31.17 3.58 -1.12
CA GLU B 297 -30.42 2.79 -0.18
C GLU B 297 -30.04 3.61 1.04
N LEU B 298 -29.94 2.93 2.15
CA LEU B 298 -29.59 3.56 3.41
C LEU B 298 -28.07 3.56 3.58
N LEU B 299 -27.51 4.73 3.82
CA LEU B 299 -26.07 4.89 4.02
C LEU B 299 -25.67 4.54 5.45
N LEU B 300 -24.71 3.63 5.60
CA LEU B 300 -24.30 3.16 6.93
C LEU B 300 -22.90 3.59 7.34
N ASP B 301 -21.95 3.74 6.42
CA ASP B 301 -20.63 4.20 6.85
C ASP B 301 -19.89 4.90 5.71
N VAL B 302 -18.86 5.65 6.09
CA VAL B 302 -18.03 6.40 5.14
C VAL B 302 -16.62 6.48 5.72
N ALA B 303 -15.63 6.28 4.86
CA ALA B 303 -14.22 6.39 5.27
C ALA B 303 -13.43 6.96 4.11
N TRP B 304 -12.62 7.96 4.39
CA TRP B 304 -11.74 8.51 3.38
C TRP B 304 -10.41 7.79 3.48
N HIS B 305 -9.88 7.37 2.35
CA HIS B 305 -8.58 6.70 2.29
C HIS B 305 -7.46 7.56 2.86
N PRO B 306 -6.63 7.02 3.76
CA PRO B 306 -5.56 7.83 4.38
C PRO B 306 -4.56 8.49 3.43
N VAL B 307 -4.34 7.97 2.21
CA VAL B 307 -3.30 8.55 1.38
C VAL B 307 -3.71 8.66 -0.09
N ARG B 308 -4.99 8.46 -0.41
CA ARG B 308 -5.41 8.51 -1.79
C ARG B 308 -6.76 9.19 -1.94
N PRO B 309 -7.13 9.69 -3.21
CA PRO B 309 -8.50 10.16 -3.43
C PRO B 309 -9.45 8.99 -3.62
N ILE B 310 -9.66 8.26 -2.54
CA ILE B 310 -10.55 7.12 -2.51
C ILE B 310 -11.49 7.23 -1.31
N ILE B 311 -12.77 6.96 -1.55
CA ILE B 311 -13.75 6.89 -0.48
C ILE B 311 -14.42 5.51 -0.52
N ALA B 312 -14.44 4.84 0.61
CA ALA B 312 -15.29 3.68 0.83
C ALA B 312 -16.61 4.07 1.51
N SER B 313 -17.72 3.49 1.02
CA SER B 313 -18.99 3.74 1.67
C SER B 313 -19.82 2.47 1.66
N ILE B 314 -20.60 2.30 2.71
CA ILE B 314 -21.45 1.15 2.93
C ILE B 314 -22.90 1.64 2.90
N SER B 315 -23.71 1.02 2.06
CA SER B 315 -25.12 1.39 2.02
C SER B 315 -25.91 0.13 1.68
N SER B 316 -26.82 -0.26 2.59
CA SER B 316 -27.65 -1.45 2.44
C SER B 316 -26.81 -2.72 2.37
N GLY B 317 -25.74 -2.77 3.16
CA GLY B 317 -24.85 -3.90 3.22
C GLY B 317 -23.85 -4.06 2.09
N VAL B 318 -23.84 -3.16 1.11
CA VAL B 318 -22.93 -3.21 -0.03
C VAL B 318 -21.79 -2.21 0.16
N VAL B 319 -20.55 -2.63 -0.07
CA VAL B 319 -19.39 -1.75 0.00
C VAL B 319 -19.16 -1.09 -1.35
N SER B 320 -18.97 0.23 -1.35
CA SER B 320 -18.65 0.99 -2.56
C SER B 320 -17.29 1.64 -2.40
N ILE B 321 -16.42 1.44 -3.37
CA ILE B 321 -15.14 2.13 -3.45
C ILE B 321 -15.27 3.17 -4.54
N TRP B 322 -15.21 4.44 -4.15
CA TRP B 322 -15.19 5.54 -5.11
C TRP B 322 -13.75 5.98 -5.26
N ALA B 323 -13.22 5.91 -6.47
CA ALA B 323 -11.83 6.23 -6.73
C ALA B 323 -11.71 7.14 -7.93
N GLN B 324 -10.86 8.16 -7.79
CA GLN B 324 -10.37 8.92 -8.93
C GLN B 324 -9.17 8.19 -9.50
N ASN B 325 -9.13 8.01 -10.81
CA ASN B 325 -8.02 7.36 -11.51
C ASN B 325 -7.48 8.33 -12.55
N GLN B 326 -6.23 8.76 -12.36
CA GLN B 326 -5.60 9.62 -13.35
C GLN B 326 -5.26 8.81 -14.59
N VAL B 327 -5.77 9.26 -15.74
CA VAL B 327 -5.45 8.69 -17.03
C VAL B 327 -4.99 9.81 -17.96
N GLU B 328 -4.43 9.41 -19.08
CA GLU B 328 -4.17 10.31 -20.20
C GLU B 328 -5.30 10.16 -21.22
N ASN B 329 -5.30 11.05 -22.21
CA ASN B 329 -6.46 11.18 -23.09
C ASN B 329 -6.52 10.16 -24.23
N TRP B 330 -5.51 9.29 -24.40
CA TRP B 330 -5.38 8.44 -25.59
C TRP B 330 -6.45 7.34 -25.63
N SER B 331 -6.73 6.85 -26.84
CA SER B 331 -7.77 5.84 -27.09
C SER B 331 -7.63 5.34 -28.51
N ALA B 332 -8.29 4.21 -28.81
CA ALA B 332 -7.97 3.40 -29.98
C ALA B 332 -8.75 3.80 -31.24
N PHE B 333 -8.11 3.60 -32.40
CA PHE B 333 -8.70 3.86 -33.72
C PHE B 333 -8.31 2.75 -34.68
N ALA B 334 -9.30 2.04 -35.20
CA ALA B 334 -9.05 0.96 -36.16
C ALA B 334 -10.12 0.87 -37.25
N GLU C 1 -18.53 22.64 -9.82
CA GLU C 1 -19.19 21.76 -8.87
C GLU C 1 -19.98 20.63 -9.54
N PRO C 2 -19.32 19.50 -9.79
CA PRO C 2 -19.97 18.38 -10.47
C PRO C 2 -20.77 17.44 -9.55
N LYS C 3 -21.48 16.53 -10.21
CA LYS C 3 -22.22 15.44 -9.57
C LYS C 3 -22.00 14.17 -10.39
N GLN C 4 -21.75 13.07 -9.71
CA GLN C 4 -21.66 11.78 -10.35
C GLN C 4 -22.55 10.79 -9.62
N THR C 5 -23.08 9.85 -10.40
CA THR C 5 -24.28 9.12 -10.03
C THR C 5 -24.16 7.68 -10.52
N GLY C 6 -24.71 6.75 -9.76
CA GLY C 6 -24.78 5.35 -10.19
C GLY C 6 -24.61 4.34 -9.08
C1 PGE D . 1.70 -20.27 -7.06
O1 PGE D . 0.34 -20.65 -7.28
C2 PGE D . 1.80 -18.78 -6.80
O2 PGE D . 1.13 -18.04 -7.81
C3 PGE D . 1.76 -16.81 -8.11
C4 PGE D . 0.72 -15.82 -8.56
O4 PGE D . -2.45 -17.29 -10.83
C6 PGE D . -1.83 -16.06 -11.18
C5 PGE D . -1.12 -15.52 -9.97
O3 PGE D . 0.04 -16.28 -9.71
O1 PG4 E . -13.74 15.42 -9.05
C1 PG4 E . -13.37 16.75 -8.75
C2 PG4 E . -12.36 16.82 -7.60
O2 PG4 E . -12.96 16.48 -6.37
C3 PG4 E . -12.16 16.67 -5.23
C4 PG4 E . -11.31 15.42 -4.97
O3 PG4 E . -12.09 14.44 -4.33
C5 PG4 E . -11.53 13.15 -4.29
C6 PG4 E . -12.54 12.10 -3.84
O4 PG4 E . -13.16 11.62 -5.00
C7 PG4 E . -13.71 10.33 -4.91
C8 PG4 E . -14.19 9.89 -6.29
O5 PG4 E . -14.88 10.93 -6.95
#